data_2I36
#
_entry.id   2I36
#
_cell.length_a   159.866
_cell.length_b   159.866
_cell.length_c   142.150
_cell.angle_alpha   90.00
_cell.angle_beta   90.00
_cell.angle_gamma   120.00
#
_symmetry.space_group_name_H-M   'P 31 1 2'
#
loop_
_entity.id
_entity.type
_entity.pdbx_description
1 polymer Rhodopsin
2 branched alpha-D-mannopyranose-(1-4)-2-acetamido-2-deoxy-beta-D-glucopyranose-(1-4)-2-acetamido-2-deoxy-beta-D-glucopyranose
3 branched 2-acetamido-2-deoxy-beta-D-glucopyranose-(1-4)-2-acetamido-2-deoxy-beta-D-glucopyranose
4 non-polymer 'PALMITIC ACID'
#
_entity_poly.entity_id   1
_entity_poly.type   'polypeptide(L)'
_entity_poly.pdbx_seq_one_letter_code
;(ACE)MNGTEGPNFYVPFSNKTGVVRSPFEAPQYYLAEPWQFSMLAAYMFLLIMLGFPINFLTLYVTVQHKKLRTPLNYI
LLNLAVADLFMVFGGFTTTLYTSLHGYFVFGPTGCNLEGFFATLGGEIALWSLVVLAIERYVVVCKPMSNFRFGENHAIM
GVAFTWVMALACAAPPLVGWSRYIPEGMQCSCGIDYYTPHEETNNESFVIYMFVVHFIIPLIVIFFCYGQLVFTVKEAAA
QQQESATTQKAEKEVTRMVIIMVIAFLICWLPYAGVAFYIFTHQGSDFGPIFMTIPAFFAKTSAVYNPVIYIMMNKQFRN
CMVTTLCCGKNPLGDDEASTTVSKTETSQVAPA
;
_entity_poly.pdbx_strand_id   A,B,C
#
loop_
_chem_comp.id
_chem_comp.type
_chem_comp.name
_chem_comp.formula
ACE non-polymer 'ACETYL GROUP' 'C2 H4 O'
MAN D-saccharide, alpha linking alpha-D-mannopyranose 'C6 H12 O6'
NAG D-saccharide, beta linking 2-acetamido-2-deoxy-beta-D-glucopyranose 'C8 H15 N O6'
PLM non-polymer 'PALMITIC ACID' 'C16 H32 O2'
#
# COMPACT_ATOMS: atom_id res chain seq x y z
C ACE A 1 10.26 -15.37 -48.15
O ACE A 1 11.27 -14.71 -48.44
CH3 ACE A 1 9.20 -15.63 -49.27
N MET A 2 9.68 -15.25 -46.97
CA MET A 2 9.78 -13.95 -46.36
C MET A 2 10.77 -13.92 -45.24
N ASN A 3 11.21 -12.71 -44.94
CA ASN A 3 12.31 -12.45 -44.03
C ASN A 3 11.84 -12.09 -42.61
N GLY A 4 10.87 -11.19 -42.52
CA GLY A 4 10.28 -10.79 -41.25
C GLY A 4 8.76 -10.68 -41.32
N THR A 5 8.21 -9.71 -40.59
CA THR A 5 6.76 -9.47 -40.62
C THR A 5 6.40 -7.99 -40.46
N GLU A 6 5.46 -7.54 -41.27
CA GLU A 6 4.94 -6.18 -41.20
C GLU A 6 3.64 -6.21 -40.43
N GLY A 7 3.18 -5.03 -40.02
CA GLY A 7 1.86 -4.84 -39.40
C GLY A 7 1.32 -3.44 -39.66
N PRO A 8 0.18 -3.09 -39.02
CA PRO A 8 -0.34 -1.73 -39.13
C PRO A 8 0.57 -0.69 -38.45
N ASN A 9 1.23 -1.10 -37.37
CA ASN A 9 2.12 -0.22 -36.62
C ASN A 9 3.48 -0.84 -36.34
N PHE A 10 3.60 -2.14 -36.55
CA PHE A 10 4.78 -2.88 -36.12
C PHE A 10 5.55 -3.62 -37.22
N TYR A 11 6.86 -3.41 -37.27
CA TYR A 11 7.73 -4.29 -38.04
C TYR A 11 8.55 -5.11 -37.07
N VAL A 12 8.51 -6.42 -37.27
CA VAL A 12 9.33 -7.32 -36.49
C VAL A 12 10.16 -8.19 -37.42
N PRO A 13 11.50 -8.10 -37.28
CA PRO A 13 12.46 -8.85 -38.11
C PRO A 13 12.56 -10.35 -37.79
N PHE A 14 11.42 -11.04 -37.84
CA PHE A 14 11.36 -12.49 -37.73
C PHE A 14 10.13 -12.93 -38.48
N SER A 15 10.24 -14.00 -39.25
CA SER A 15 9.13 -14.54 -40.03
C SER A 15 8.11 -15.18 -39.10
N ASN A 16 6.84 -15.12 -39.46
CA ASN A 16 5.83 -15.85 -38.72
C ASN A 16 5.87 -17.34 -39.10
N LYS A 17 7.08 -17.79 -39.45
CA LYS A 17 7.37 -19.17 -39.87
C LYS A 17 6.93 -20.21 -38.83
N THR A 18 7.27 -19.98 -37.57
CA THR A 18 6.88 -20.86 -36.45
C THR A 18 5.45 -20.58 -35.97
N GLY A 19 5.06 -19.30 -36.05
CA GLY A 19 3.76 -18.85 -35.60
C GLY A 19 3.80 -18.32 -34.19
N VAL A 20 5.00 -18.19 -33.63
CA VAL A 20 5.18 -17.69 -32.26
C VAL A 20 5.49 -16.19 -32.28
N VAL A 21 5.64 -15.65 -33.49
CA VAL A 21 5.83 -14.23 -33.66
C VAL A 21 4.48 -13.54 -33.56
N ARG A 22 4.44 -12.52 -32.71
CA ARG A 22 3.20 -11.76 -32.45
C ARG A 22 3.46 -10.25 -32.45
N SER A 23 2.59 -9.50 -31.77
CA SER A 23 2.68 -8.04 -31.69
C SER A 23 3.45 -7.58 -30.44
N PRO A 24 4.29 -6.56 -30.59
CA PRO A 24 5.11 -6.08 -29.48
C PRO A 24 4.37 -5.17 -28.49
N PHE A 25 3.11 -4.85 -28.79
CA PHE A 25 2.31 -3.97 -27.94
C PHE A 25 1.57 -4.69 -26.82
N GLU A 26 1.48 -6.02 -26.94
CA GLU A 26 0.74 -6.82 -25.96
C GLU A 26 1.62 -7.91 -25.36
N ALA A 27 2.43 -8.54 -26.21
CA ALA A 27 3.12 -9.77 -25.84
C ALA A 27 4.59 -9.54 -25.53
N PRO A 28 5.14 -10.28 -24.53
CA PRO A 28 6.58 -10.28 -24.29
C PRO A 28 7.26 -11.06 -25.40
N GLN A 29 8.14 -10.40 -26.15
CA GLN A 29 8.73 -10.97 -27.35
C GLN A 29 9.89 -11.93 -27.04
N TYR A 30 9.64 -12.85 -26.12
CA TYR A 30 10.63 -13.84 -25.70
C TYR A 30 10.97 -14.81 -26.82
N TYR A 31 10.06 -14.91 -27.80
CA TYR A 31 10.25 -15.72 -29.00
C TYR A 31 11.45 -15.28 -29.85
N LEU A 32 11.91 -14.05 -29.63
CA LEU A 32 13.00 -13.46 -30.41
C LEU A 32 14.36 -14.09 -30.13
N ALA A 33 14.78 -14.05 -28.87
CA ALA A 33 16.10 -14.55 -28.49
C ALA A 33 16.14 -15.00 -27.02
N GLU A 34 17.30 -14.80 -26.39
CA GLU A 34 17.56 -15.28 -25.03
C GLU A 34 17.20 -14.22 -23.97
N PRO A 35 16.43 -14.62 -22.94
CA PRO A 35 15.96 -13.72 -21.88
C PRO A 35 17.07 -13.08 -21.03
N TRP A 36 18.18 -13.80 -20.83
CA TRP A 36 19.30 -13.25 -20.06
C TRP A 36 19.92 -12.04 -20.75
N GLN A 37 19.83 -12.01 -22.08
CA GLN A 37 20.23 -10.84 -22.84
C GLN A 37 19.18 -9.72 -22.74
N PHE A 38 17.91 -10.12 -22.62
CA PHE A 38 16.79 -9.17 -22.45
C PHE A 38 17.01 -8.31 -21.21
N SER A 39 17.10 -8.97 -20.06
CA SER A 39 17.39 -8.27 -18.82
C SER A 39 18.80 -7.68 -18.82
N MET A 40 19.69 -8.21 -19.66
CA MET A 40 21.06 -7.68 -19.77
C MET A 40 21.00 -6.30 -20.39
N LEU A 41 20.00 -6.08 -21.24
CA LEU A 41 19.77 -4.77 -21.82
C LEU A 41 19.30 -3.76 -20.77
N ALA A 42 18.36 -4.19 -19.93
CA ALA A 42 17.89 -3.34 -18.84
C ALA A 42 18.94 -3.16 -17.75
N ALA A 43 19.75 -4.21 -17.51
CA ALA A 43 20.82 -4.16 -16.52
C ALA A 43 21.87 -3.14 -16.93
N TYR A 44 22.08 -3.07 -18.24
CA TYR A 44 22.91 -2.04 -18.85
C TYR A 44 22.13 -0.72 -18.89
N MET A 45 20.80 -0.81 -18.90
CA MET A 45 19.96 0.38 -18.94
C MET A 45 19.92 1.16 -17.62
N PHE A 46 19.79 0.47 -16.50
CA PHE A 46 19.76 1.18 -15.22
C PHE A 46 21.07 1.92 -15.03
N LEU A 47 22.18 1.23 -15.28
CA LEU A 47 23.50 1.83 -15.16
C LEU A 47 23.60 3.09 -16.03
N LEU A 48 22.73 3.20 -17.03
CA LEU A 48 22.62 4.41 -17.86
C LEU A 48 21.88 5.53 -17.13
N ILE A 49 20.56 5.34 -16.98
CA ILE A 49 19.69 6.35 -16.39
C ILE A 49 20.28 6.88 -15.09
N MET A 50 20.59 5.94 -14.19
CA MET A 50 21.23 6.21 -12.90
C MET A 50 22.31 7.29 -12.99
N LEU A 51 23.27 7.11 -13.90
CA LEU A 51 24.44 7.97 -13.97
C LEU A 51 24.20 9.27 -14.73
N GLY A 52 23.19 9.28 -15.60
CA GLY A 52 22.84 10.49 -16.36
C GLY A 52 22.15 11.55 -15.53
N PHE A 53 21.91 11.24 -14.26
CA PHE A 53 21.27 12.15 -13.36
C PHE A 53 22.30 13.06 -12.67
N PRO A 54 23.24 12.49 -11.87
CA PRO A 54 24.09 13.34 -11.04
C PRO A 54 25.14 14.07 -11.88
N ILE A 55 25.34 13.59 -13.10
CA ILE A 55 26.32 14.18 -14.01
C ILE A 55 25.62 15.20 -14.90
N ASN A 56 24.31 15.08 -15.02
CA ASN A 56 23.52 16.11 -15.69
C ASN A 56 22.94 17.15 -14.74
N PHE A 57 22.39 16.67 -13.63
CA PHE A 57 21.69 17.50 -12.65
C PHE A 57 22.62 18.51 -11.96
N LEU A 58 23.79 18.06 -11.52
CA LEU A 58 24.72 18.97 -10.83
C LEU A 58 25.29 20.03 -11.79
N THR A 59 25.11 19.80 -13.09
CA THR A 59 25.57 20.72 -14.14
C THR A 59 24.62 21.89 -14.37
N LEU A 60 23.31 21.64 -14.25
CA LEU A 60 22.30 22.71 -14.31
C LEU A 60 22.42 23.59 -13.07
N TYR A 61 22.74 22.96 -11.95
CA TYR A 61 22.82 23.64 -10.66
C TYR A 61 24.16 24.35 -10.45
N VAL A 62 25.23 23.83 -11.07
CA VAL A 62 26.53 24.48 -10.98
C VAL A 62 26.56 25.82 -11.75
N THR A 63 25.64 25.96 -12.71
CA THR A 63 25.49 27.19 -13.51
C THR A 63 24.56 28.21 -12.85
N VAL A 64 23.49 27.73 -12.22
CA VAL A 64 22.57 28.61 -11.48
C VAL A 64 23.23 29.09 -10.17
N GLN A 65 23.99 28.21 -9.53
CA GLN A 65 24.77 28.51 -8.31
C GLN A 65 25.82 29.56 -8.63
N HIS A 66 26.54 29.36 -9.73
CA HIS A 66 27.57 30.30 -10.17
C HIS A 66 27.03 31.40 -11.08
N LYS A 67 26.77 32.56 -10.49
CA LYS A 67 26.40 33.75 -11.26
C LYS A 67 27.62 34.32 -12.01
N LYS A 68 28.67 33.51 -12.09
CA LYS A 68 29.91 33.87 -12.77
C LYS A 68 30.14 33.05 -14.07
N LEU A 69 29.18 32.19 -14.43
CA LEU A 69 29.32 31.32 -15.60
C LEU A 69 28.27 31.59 -16.70
N ARG A 70 28.10 32.86 -17.05
CA ARG A 70 27.20 33.23 -18.14
C ARG A 70 27.93 33.51 -19.47
N THR A 71 28.84 32.60 -19.83
CA THR A 71 29.61 32.71 -21.07
C THR A 71 28.94 31.94 -22.22
N PRO A 72 29.16 32.39 -23.48
CA PRO A 72 28.64 31.68 -24.67
C PRO A 72 29.20 30.26 -24.89
N LEU A 73 30.17 29.85 -24.06
CA LEU A 73 30.59 28.45 -23.98
C LEU A 73 29.63 27.65 -23.08
N ASN A 74 29.30 28.24 -21.93
CA ASN A 74 28.40 27.62 -20.95
C ASN A 74 26.93 27.62 -21.37
N TYR A 75 26.52 28.65 -22.12
CA TYR A 75 25.15 28.74 -22.68
C TYR A 75 24.80 27.53 -23.55
N ILE A 76 25.71 27.19 -24.46
CA ILE A 76 25.56 26.02 -25.34
C ILE A 76 25.75 24.73 -24.54
N LEU A 77 26.65 24.75 -23.55
CA LEU A 77 26.96 23.55 -22.78
C LEU A 77 26.15 23.35 -21.49
N LEU A 78 25.22 24.25 -21.22
CA LEU A 78 24.13 23.99 -20.26
C LEU A 78 22.98 23.34 -20.99
N ASN A 79 22.75 23.77 -22.24
CA ASN A 79 21.67 23.27 -23.09
C ASN A 79 21.60 21.74 -23.16
N LEU A 80 22.74 21.08 -22.90
CA LEU A 80 22.81 19.62 -22.80
C LEU A 80 22.30 19.11 -21.44
N ALA A 81 22.83 19.68 -20.36
CA ALA A 81 22.43 19.33 -19.00
C ALA A 81 20.90 19.32 -18.82
N VAL A 82 20.24 20.26 -19.48
CA VAL A 82 18.78 20.35 -19.49
C VAL A 82 18.18 19.30 -20.42
N ALA A 83 18.57 19.34 -21.71
CA ALA A 83 18.00 18.47 -22.74
C ALA A 83 18.15 16.98 -22.44
N ASP A 84 19.27 16.58 -21.83
CA ASP A 84 19.48 15.18 -21.42
C ASP A 84 18.53 14.76 -20.29
N LEU A 85 18.28 15.67 -19.35
CA LEU A 85 17.43 15.38 -18.21
C LEU A 85 15.98 15.18 -18.62
N PHE A 86 15.59 15.81 -19.73
CA PHE A 86 14.31 15.53 -20.37
C PHE A 86 14.27 14.07 -20.83
N MET A 87 15.39 13.57 -21.35
CA MET A 87 15.51 12.18 -21.79
C MET A 87 15.45 11.17 -20.66
N VAL A 88 16.24 11.39 -19.62
CA VAL A 88 16.25 10.53 -18.44
C VAL A 88 14.87 10.47 -17.79
N PHE A 89 14.20 11.64 -17.72
CA PHE A 89 12.84 11.77 -17.18
C PHE A 89 11.76 11.69 -18.27
N GLY A 90 12.01 10.87 -19.29
CA GLY A 90 11.07 10.72 -20.40
C GLY A 90 11.41 9.53 -21.28
N GLY A 91 12.50 9.67 -22.04
CA GLY A 91 12.96 8.63 -22.97
C GLY A 91 13.41 7.35 -22.28
N PHE A 92 14.19 7.49 -21.22
CA PHE A 92 14.68 6.34 -20.45
C PHE A 92 13.61 5.69 -19.56
N THR A 93 12.65 6.49 -19.12
CA THR A 93 11.52 6.00 -18.34
C THR A 93 10.74 4.94 -19.12
N THR A 94 10.50 5.22 -20.40
CA THR A 94 9.72 4.32 -21.27
C THR A 94 10.46 3.02 -21.54
N THR A 95 11.72 3.13 -21.91
CA THR A 95 12.52 1.97 -22.36
C THR A 95 12.68 0.91 -21.27
N LEU A 96 12.86 1.37 -20.04
CA LEU A 96 13.04 0.49 -18.91
C LEU A 96 11.90 -0.52 -18.82
N TYR A 97 10.69 -0.03 -18.60
CA TYR A 97 9.45 -0.84 -18.49
C TYR A 97 9.38 -1.85 -19.62
N THR A 98 9.86 -1.41 -20.78
CA THR A 98 9.86 -2.20 -21.98
C THR A 98 10.88 -3.34 -21.90
N SER A 99 12.10 -3.01 -21.48
CA SER A 99 13.21 -3.97 -21.49
C SER A 99 13.05 -5.07 -20.46
N LEU A 100 12.51 -4.73 -19.31
CA LEU A 100 12.40 -5.66 -18.18
C LEU A 100 11.33 -6.74 -18.36
N HIS A 101 10.31 -6.41 -19.16
CA HIS A 101 9.20 -7.33 -19.49
C HIS A 101 9.39 -8.00 -20.84
N GLY A 102 9.90 -7.22 -21.79
CA GLY A 102 10.15 -7.69 -23.13
C GLY A 102 9.14 -7.18 -24.15
N TYR A 103 8.57 -6.00 -23.89
CA TYR A 103 7.66 -5.35 -24.86
C TYR A 103 7.13 -4.00 -24.40
N PHE A 104 6.67 -3.21 -25.35
CA PHE A 104 6.11 -1.88 -25.11
C PHE A 104 4.70 -1.94 -24.57
N VAL A 105 4.56 -1.71 -23.26
CA VAL A 105 3.29 -1.86 -22.54
C VAL A 105 2.33 -0.70 -22.78
N PHE A 106 2.83 0.52 -22.71
CA PHE A 106 2.04 1.71 -23.05
C PHE A 106 1.74 1.64 -24.54
N GLY A 107 2.67 1.05 -25.29
CA GLY A 107 2.47 0.68 -26.68
C GLY A 107 2.39 1.82 -27.67
N PRO A 108 1.27 1.90 -28.43
CA PRO A 108 1.04 2.85 -29.53
C PRO A 108 1.22 4.31 -29.12
N THR A 109 0.78 4.64 -27.90
CA THR A 109 0.99 5.96 -27.31
C THR A 109 2.41 6.09 -26.73
N GLY A 110 2.91 4.99 -26.16
CA GLY A 110 4.19 4.98 -25.43
C GLY A 110 5.48 4.93 -26.23
N CYS A 111 5.48 4.15 -27.30
CA CYS A 111 6.60 4.13 -28.22
C CYS A 111 6.90 5.57 -28.56
N ASN A 112 5.84 6.31 -28.89
CA ASN A 112 5.91 7.73 -29.27
C ASN A 112 6.52 8.64 -28.21
N LEU A 113 7.12 8.05 -27.19
CA LEU A 113 7.89 8.79 -26.20
C LEU A 113 9.40 8.51 -26.29
N GLU A 114 9.79 7.26 -26.07
CA GLU A 114 11.20 6.87 -26.14
C GLU A 114 11.78 7.14 -27.52
N GLY A 115 11.01 6.84 -28.57
CA GLY A 115 11.40 7.16 -29.93
C GLY A 115 11.53 8.66 -30.19
N PHE A 116 10.75 9.47 -29.46
CA PHE A 116 10.74 10.93 -29.66
C PHE A 116 11.86 11.65 -28.96
N PHE A 117 12.07 11.33 -27.68
CA PHE A 117 13.10 11.96 -26.87
C PHE A 117 14.52 11.64 -27.36
N ALA A 118 14.73 10.38 -27.75
CA ALA A 118 15.98 9.97 -28.41
C ALA A 118 16.23 10.76 -29.70
N THR A 119 15.15 11.22 -30.33
CA THR A 119 15.23 12.08 -31.52
C THR A 119 15.26 13.56 -31.13
N LEU A 120 14.94 13.85 -29.88
CA LEU A 120 15.10 15.22 -29.37
C LEU A 120 16.19 15.20 -28.30
N GLY A 121 17.29 14.53 -28.63
CA GLY A 121 18.46 14.44 -27.76
C GLY A 121 19.77 14.50 -28.54
N GLY A 122 20.00 13.49 -29.37
CA GLY A 122 21.14 13.47 -30.28
C GLY A 122 20.78 14.18 -31.58
N GLU A 123 19.89 15.16 -31.48
CA GLU A 123 19.47 15.99 -32.62
C GLU A 123 19.51 17.46 -32.22
N ILE A 124 19.14 17.75 -30.97
CA ILE A 124 19.26 19.10 -30.42
C ILE A 124 20.71 19.45 -30.07
N ALA A 125 21.52 18.41 -29.86
CA ALA A 125 22.97 18.54 -29.63
C ALA A 125 23.75 18.63 -30.94
N LEU A 126 23.13 18.15 -32.02
CA LEU A 126 23.66 18.29 -33.37
C LEU A 126 23.51 19.73 -33.85
N TRP A 127 22.44 20.40 -33.41
CA TRP A 127 22.23 21.82 -33.72
C TRP A 127 22.96 22.75 -32.73
N SER A 128 23.43 22.16 -31.64
CA SER A 128 24.33 22.84 -30.71
C SER A 128 25.79 22.69 -31.16
N LEU A 129 26.17 21.49 -31.61
CA LEU A 129 27.53 21.21 -32.07
C LEU A 129 27.86 21.77 -33.47
N VAL A 130 26.93 22.49 -34.08
CA VAL A 130 27.22 23.31 -35.26
C VAL A 130 27.55 24.74 -34.79
N VAL A 131 26.82 25.19 -33.77
CA VAL A 131 27.11 26.48 -33.11
C VAL A 131 28.44 26.39 -32.33
N LEU A 132 28.76 25.20 -31.81
CA LEU A 132 30.03 24.97 -31.10
C LEU A 132 31.26 24.91 -32.04
N ALA A 133 31.01 24.75 -33.33
CA ALA A 133 32.05 24.85 -34.34
C ALA A 133 32.04 26.24 -34.99
N ILE A 134 31.00 27.03 -34.69
CA ILE A 134 30.86 28.40 -35.20
C ILE A 134 31.31 29.46 -34.17
N GLU A 135 31.19 29.14 -32.89
CA GLU A 135 31.64 30.00 -31.78
C GLU A 135 33.17 29.96 -31.72
N ARG A 136 33.73 28.83 -32.15
CA ARG A 136 35.18 28.63 -32.23
C ARG A 136 35.75 29.21 -33.53
N TYR A 137 34.86 29.43 -34.51
CA TYR A 137 35.21 29.84 -35.87
C TYR A 137 35.32 31.37 -36.00
N VAL A 138 34.45 32.07 -35.27
CA VAL A 138 34.26 33.54 -35.31
C VAL A 138 35.26 34.34 -34.46
N VAL A 139 35.78 33.70 -33.39
CA VAL A 139 36.82 34.29 -32.55
C VAL A 139 38.18 33.58 -32.76
N VAL A 140 38.40 33.12 -33.99
CA VAL A 140 39.67 32.53 -34.43
C VAL A 140 40.08 32.99 -35.85
N CYS A 141 39.09 33.14 -36.74
CA CYS A 141 39.35 33.52 -38.14
C CYS A 141 38.90 34.94 -38.53
N LYS A 142 37.89 35.46 -37.84
CA LYS A 142 37.27 36.77 -38.13
C LYS A 142 36.69 36.90 -39.57
N PRO A 143 35.39 36.57 -39.73
CA PRO A 143 34.68 36.79 -41.01
C PRO A 143 34.31 38.27 -41.28
N MET A 144 34.11 39.05 -40.20
CA MET A 144 33.82 40.50 -40.29
C MET A 144 34.68 41.30 -39.26
N SER A 145 34.26 42.55 -39.02
CA SER A 145 34.95 43.49 -38.13
C SER A 145 34.85 43.10 -36.64
N ASN A 146 33.84 43.67 -35.95
CA ASN A 146 33.62 43.52 -34.50
C ASN A 146 32.72 42.31 -34.18
N PHE A 147 33.34 41.15 -33.94
CA PHE A 147 32.59 39.89 -33.73
C PHE A 147 32.53 39.34 -32.30
N ARG A 148 31.89 40.11 -31.44
CA ARG A 148 31.66 39.73 -30.04
C ARG A 148 30.29 39.04 -29.90
N PHE A 149 30.25 37.97 -29.09
CA PHE A 149 28.99 37.23 -28.80
C PHE A 149 28.27 37.77 -27.53
N GLY A 150 28.21 36.99 -26.45
CA GLY A 150 27.76 37.52 -25.15
C GLY A 150 26.56 36.87 -24.49
N GLU A 151 25.45 37.61 -24.44
CA GLU A 151 24.18 37.14 -23.86
C GLU A 151 23.03 37.11 -24.87
N ASN A 152 22.68 38.26 -25.44
CA ASN A 152 21.64 38.37 -26.47
C ASN A 152 22.05 37.73 -27.82
N HIS A 153 23.31 37.32 -27.88
CA HIS A 153 23.86 36.53 -28.99
C HIS A 153 24.00 35.04 -28.62
N ALA A 154 24.19 34.76 -27.32
CA ALA A 154 24.34 33.38 -26.82
C ALA A 154 23.00 32.67 -26.60
N ILE A 155 21.91 33.44 -26.56
CA ILE A 155 20.55 32.87 -26.56
C ILE A 155 20.11 32.52 -28.00
N MET A 156 20.67 33.24 -28.98
CA MET A 156 20.33 33.06 -30.41
C MET A 156 20.85 31.74 -31.01
N GLY A 157 21.86 31.17 -30.37
CA GLY A 157 22.41 29.85 -30.74
C GLY A 157 21.83 28.69 -29.95
N VAL A 158 21.26 28.99 -28.78
CA VAL A 158 20.58 28.01 -27.92
C VAL A 158 19.12 27.83 -28.34
N ALA A 159 18.39 28.94 -28.46
CA ALA A 159 16.98 28.94 -28.87
C ALA A 159 16.79 28.47 -30.33
N PHE A 160 17.90 28.40 -31.07
CA PHE A 160 17.93 27.87 -32.44
C PHE A 160 17.97 26.33 -32.50
N THR A 161 18.56 25.70 -31.48
CA THR A 161 18.70 24.25 -31.42
C THR A 161 17.36 23.55 -31.25
N TRP A 162 16.44 24.22 -30.54
CA TRP A 162 15.04 23.78 -30.42
C TRP A 162 14.28 23.95 -31.72
N VAL A 163 14.45 25.11 -32.37
CA VAL A 163 13.78 25.45 -33.65
C VAL A 163 14.15 24.49 -34.80
N MET A 164 15.34 23.89 -34.71
CA MET A 164 15.81 22.94 -35.71
C MET A 164 15.59 21.47 -35.34
N ALA A 165 15.56 21.19 -34.04
CA ALA A 165 15.24 19.85 -33.52
C ALA A 165 13.74 19.53 -33.57
N LEU A 166 12.91 20.55 -33.31
CA LEU A 166 11.47 20.44 -33.45
C LEU A 166 11.03 20.35 -34.91
N ALA A 167 11.88 20.84 -35.82
CA ALA A 167 11.63 20.76 -37.26
C ALA A 167 11.74 19.33 -37.77
N CYS A 168 12.33 18.46 -36.95
CA CYS A 168 12.55 17.07 -37.34
C CYS A 168 12.36 16.02 -36.23
N ALA A 169 11.84 16.41 -35.07
CA ALA A 169 11.52 15.43 -34.02
C ALA A 169 10.00 15.24 -33.77
N ALA A 170 9.23 16.30 -33.94
CA ALA A 170 7.77 16.23 -33.80
C ALA A 170 7.02 15.74 -35.04
N PRO A 171 7.43 16.18 -36.27
CA PRO A 171 6.80 15.69 -37.52
C PRO A 171 6.66 14.17 -37.69
N PRO A 172 7.66 13.36 -37.25
CA PRO A 172 7.39 11.93 -37.31
C PRO A 172 6.29 11.49 -36.35
N LEU A 173 6.29 12.02 -35.12
CA LEU A 173 5.25 11.67 -34.14
C LEU A 173 3.86 11.75 -34.78
N VAL A 174 3.53 12.90 -35.35
CA VAL A 174 2.27 13.09 -36.07
C VAL A 174 2.46 13.89 -37.35
N GLY A 175 1.84 13.42 -38.44
CA GLY A 175 1.74 14.22 -39.65
C GLY A 175 2.50 13.77 -40.88
N TRP A 176 3.80 13.54 -40.72
CA TRP A 176 4.68 13.24 -41.86
C TRP A 176 5.38 11.88 -41.77
N SER A 177 5.44 11.31 -40.57
CA SER A 177 5.94 9.96 -40.39
C SER A 177 5.29 9.29 -39.18
N ARG A 178 6.08 8.48 -38.48
CA ARG A 178 5.60 7.68 -37.36
C ARG A 178 6.76 7.31 -36.44
N TYR A 179 6.43 7.01 -35.19
CA TYR A 179 7.40 6.49 -34.27
C TYR A 179 7.12 5.02 -33.99
N ILE A 180 8.13 4.19 -34.20
CA ILE A 180 7.97 2.75 -34.39
C ILE A 180 9.09 1.96 -33.72
N PRO A 181 8.77 0.76 -33.20
CA PRO A 181 9.75 -0.06 -32.51
C PRO A 181 10.77 -0.69 -33.44
N GLU A 182 11.92 -1.07 -32.87
CA GLU A 182 13.09 -1.49 -33.62
C GLU A 182 13.84 -2.68 -33.00
N GLY A 183 14.74 -3.28 -33.77
CA GLY A 183 15.70 -4.27 -33.29
C GLY A 183 15.11 -5.38 -32.44
N MET A 184 15.56 -5.49 -31.19
CA MET A 184 15.07 -6.51 -30.26
C MET A 184 13.71 -6.10 -29.69
N GLN A 185 13.15 -5.05 -30.28
CA GLN A 185 11.81 -4.53 -29.97
C GLN A 185 11.62 -4.12 -28.52
N CYS A 186 12.69 -3.61 -27.93
CA CYS A 186 12.61 -2.97 -26.62
C CYS A 186 12.96 -1.50 -26.83
N SER A 187 13.38 -1.17 -28.04
CA SER A 187 13.69 0.20 -28.43
C SER A 187 12.69 0.69 -29.48
N CYS A 188 12.61 2.00 -29.67
CA CYS A 188 11.77 2.59 -30.71
C CYS A 188 12.55 3.59 -31.55
N GLY A 189 11.83 4.32 -32.40
CA GLY A 189 12.42 5.37 -33.26
C GLY A 189 11.68 5.61 -34.57
N ILE A 190 12.44 5.97 -35.61
CA ILE A 190 11.87 6.26 -36.94
C ILE A 190 11.89 5.02 -37.86
N ASP A 191 10.94 4.97 -38.79
CA ASP A 191 10.81 3.86 -39.73
C ASP A 191 11.97 3.85 -40.72
N TYR A 192 12.45 2.65 -41.03
CA TYR A 192 13.45 2.47 -42.09
C TYR A 192 13.02 1.37 -43.07
N TYR A 193 11.99 0.63 -42.67
CA TYR A 193 11.66 -0.64 -43.30
C TYR A 193 10.48 -0.53 -44.26
N THR A 194 9.48 0.26 -43.88
CA THR A 194 8.15 0.25 -44.52
C THR A 194 7.86 1.44 -45.43
N PRO A 195 7.13 1.20 -46.54
CA PRO A 195 6.61 2.32 -47.31
C PRO A 195 5.54 3.04 -46.50
N HIS A 196 4.63 2.25 -45.90
CA HIS A 196 3.46 2.76 -45.20
C HIS A 196 3.04 4.08 -45.82
N GLU A 197 2.55 4.01 -47.06
CA GLU A 197 2.30 5.21 -47.87
C GLU A 197 1.07 5.99 -47.44
N GLU A 198 0.63 5.74 -46.21
CA GLU A 198 -0.43 6.49 -45.56
C GLU A 198 0.13 7.82 -45.03
N THR A 199 1.15 7.74 -44.19
CA THR A 199 1.75 8.92 -43.56
C THR A 199 2.91 9.53 -44.38
N ASN A 200 3.17 8.96 -45.55
CA ASN A 200 4.17 9.47 -46.49
C ASN A 200 5.57 9.54 -45.88
N ASN A 201 6.18 8.38 -45.71
CA ASN A 201 7.53 8.28 -45.15
C ASN A 201 8.63 8.70 -46.12
N GLU A 202 8.55 8.22 -47.37
CA GLU A 202 9.57 8.45 -48.41
C GLU A 202 10.27 9.81 -48.36
N SER A 203 9.47 10.88 -48.37
CA SER A 203 9.99 12.25 -48.33
C SER A 203 10.61 12.61 -46.97
N PHE A 204 9.95 12.16 -45.89
CA PHE A 204 10.43 12.46 -44.55
C PHE A 204 11.80 11.85 -44.26
N VAL A 205 12.01 10.62 -44.74
CA VAL A 205 13.28 9.90 -44.56
C VAL A 205 14.47 10.73 -45.04
N ILE A 206 14.39 11.18 -46.30
CA ILE A 206 15.43 12.01 -46.92
C ILE A 206 15.55 13.37 -46.22
N TYR A 207 14.42 14.08 -46.07
CA TYR A 207 14.38 15.34 -45.31
C TYR A 207 15.03 15.19 -43.93
N MET A 208 14.88 14.00 -43.36
CA MET A 208 15.52 13.68 -42.09
C MET A 208 17.03 13.46 -42.30
N PHE A 209 17.38 12.40 -43.02
CA PHE A 209 18.78 11.94 -43.13
C PHE A 209 19.74 13.06 -43.58
N VAL A 210 19.37 13.74 -44.66
CA VAL A 210 20.26 14.72 -45.28
C VAL A 210 20.31 16.03 -44.49
N VAL A 211 19.14 16.63 -44.25
CA VAL A 211 19.05 17.95 -43.61
C VAL A 211 19.49 17.89 -42.15
N HIS A 212 19.53 16.70 -41.58
CA HIS A 212 19.77 16.57 -40.15
C HIS A 212 20.85 15.55 -39.74
N PHE A 213 21.57 15.03 -40.71
CA PHE A 213 22.77 14.22 -40.44
C PHE A 213 23.92 14.66 -41.34
N ILE A 214 23.73 14.53 -42.66
CA ILE A 214 24.79 14.78 -43.64
C ILE A 214 25.13 16.27 -43.77
N ILE A 215 24.11 17.12 -43.85
CA ILE A 215 24.30 18.58 -43.98
C ILE A 215 24.89 19.26 -42.73
N PRO A 216 24.34 18.97 -41.53
CA PRO A 216 24.99 19.50 -40.33
C PRO A 216 26.44 19.05 -40.18
N LEU A 217 26.77 17.84 -40.65
CA LEU A 217 28.14 17.32 -40.65
C LEU A 217 29.07 18.05 -41.63
N ILE A 218 28.60 18.25 -42.85
CA ILE A 218 29.37 18.93 -43.91
C ILE A 218 29.63 20.38 -43.52
N VAL A 219 28.62 21.05 -42.93
CA VAL A 219 28.78 22.42 -42.40
C VAL A 219 29.37 22.43 -40.98
N ILE A 220 29.97 21.30 -40.59
CA ILE A 220 30.91 21.23 -39.47
C ILE A 220 32.32 21.02 -40.03
N PHE A 221 32.42 20.18 -41.06
CA PHE A 221 33.71 19.91 -41.71
C PHE A 221 34.24 21.10 -42.50
N PHE A 222 33.34 21.88 -43.08
CA PHE A 222 33.69 23.15 -43.74
C PHE A 222 34.26 24.15 -42.71
N CYS A 223 33.69 24.16 -41.51
CA CYS A 223 34.17 25.02 -40.42
C CYS A 223 35.36 24.41 -39.68
N TYR A 224 35.62 23.13 -39.93
CA TYR A 224 36.74 22.42 -39.32
C TYR A 224 38.03 22.44 -40.18
N GLY A 225 37.92 22.08 -41.45
CA GLY A 225 39.08 22.04 -42.35
C GLY A 225 39.75 23.39 -42.53
N GLN A 226 38.93 24.44 -42.45
CA GLN A 226 39.34 25.84 -42.56
C GLN A 226 39.87 26.39 -41.22
N LEU A 227 40.14 25.51 -40.26
CA LEU A 227 40.68 25.95 -38.96
C LEU A 227 42.06 25.39 -38.60
N VAL A 228 42.46 24.29 -39.22
CA VAL A 228 43.86 23.80 -39.12
C VAL A 228 44.74 24.77 -39.92
N PHE A 229 44.16 25.26 -41.01
CA PHE A 229 44.73 26.26 -41.91
C PHE A 229 44.84 27.64 -41.24
N THR A 230 43.85 27.99 -40.40
CA THR A 230 43.82 29.29 -39.68
C THR A 230 44.64 29.27 -38.37
N VAL A 231 45.26 28.12 -38.06
CA VAL A 231 46.18 28.01 -36.92
C VAL A 231 47.63 28.31 -37.34
N LYS A 232 48.00 27.85 -38.54
CA LYS A 232 49.39 27.94 -39.03
C LYS A 232 49.74 29.30 -39.68
N GLU A 233 49.16 29.56 -40.86
CA GLU A 233 49.58 30.68 -41.70
C GLU A 233 48.75 31.98 -41.51
N ALA A 234 47.50 31.84 -41.08
CA ALA A 234 46.63 33.01 -40.87
C ALA A 234 46.80 33.69 -39.50
N ALA A 235 47.02 32.89 -38.45
CA ALA A 235 47.06 33.40 -37.06
C ALA A 235 48.42 33.92 -36.54
N ALA A 236 49.48 33.78 -37.36
CA ALA A 236 50.80 34.36 -37.06
C ALA A 236 50.92 35.81 -37.57
N GLN A 237 49.88 36.27 -38.28
CA GLN A 237 49.76 37.65 -38.78
C GLN A 237 48.68 38.46 -38.03
N GLN A 238 47.70 37.77 -37.45
CA GLN A 238 46.69 38.38 -36.57
C GLN A 238 47.33 38.94 -35.29
N GLN A 239 48.41 38.27 -34.85
CA GLN A 239 49.23 38.65 -33.68
C GLN A 239 48.48 38.77 -32.34
N GLU A 240 47.83 37.67 -31.96
CA GLU A 240 47.25 37.50 -30.63
C GLU A 240 48.30 36.86 -29.70
N SER A 241 48.14 37.07 -28.39
CA SER A 241 49.14 36.67 -27.39
C SER A 241 49.19 35.16 -27.05
N ALA A 242 50.32 34.72 -26.48
CA ALA A 242 50.54 33.32 -26.08
C ALA A 242 49.93 32.97 -24.71
N THR A 243 49.59 34.00 -23.92
CA THR A 243 48.86 33.85 -22.65
C THR A 243 47.34 33.66 -22.88
N THR A 244 46.82 34.25 -23.96
CA THR A 244 45.41 34.13 -24.37
C THR A 244 45.10 32.73 -24.92
N GLN A 245 46.01 32.19 -25.75
CA GLN A 245 45.87 30.86 -26.34
C GLN A 245 46.63 29.76 -25.59
N LYS A 246 46.30 29.61 -24.31
CA LYS A 246 46.78 28.52 -23.44
C LYS A 246 45.57 27.62 -23.12
N ALA A 247 44.50 28.26 -22.63
CA ALA A 247 43.22 27.60 -22.39
C ALA A 247 42.37 27.60 -23.66
N GLU A 248 42.56 28.63 -24.50
CA GLU A 248 41.93 28.68 -25.83
C GLU A 248 42.51 27.63 -26.77
N LYS A 249 43.64 27.05 -26.35
CA LYS A 249 44.30 25.98 -27.11
C LYS A 249 43.98 24.61 -26.50
N GLU A 250 43.17 24.62 -25.44
CA GLU A 250 42.75 23.40 -24.72
C GLU A 250 41.23 23.14 -24.84
N VAL A 251 40.44 24.21 -24.77
CA VAL A 251 38.97 24.17 -24.87
C VAL A 251 38.52 23.80 -26.29
N THR A 252 39.21 24.33 -27.29
CA THR A 252 39.06 23.91 -28.68
C THR A 252 39.34 22.42 -28.75
N ARG A 253 40.47 22.02 -28.14
CA ARG A 253 40.93 20.63 -28.14
C ARG A 253 40.11 19.73 -27.20
N MET A 254 38.95 20.23 -26.75
CA MET A 254 37.94 19.42 -26.09
C MET A 254 36.66 19.47 -26.89
N VAL A 255 36.29 20.69 -27.29
CA VAL A 255 35.04 20.97 -28.01
C VAL A 255 34.91 20.17 -29.30
N ILE A 256 36.03 19.95 -29.98
CA ILE A 256 36.03 19.17 -31.22
C ILE A 256 36.44 17.70 -30.93
N ILE A 257 36.50 17.33 -29.65
CA ILE A 257 36.53 15.92 -29.23
C ILE A 257 35.10 15.43 -28.99
N MET A 258 34.23 16.37 -28.66
CA MET A 258 32.80 16.11 -28.53
C MET A 258 32.16 15.82 -29.89
N VAL A 259 32.73 16.39 -30.95
CA VAL A 259 32.34 16.08 -32.33
C VAL A 259 32.66 14.62 -32.66
N ILE A 260 33.80 14.15 -32.17
CA ILE A 260 34.20 12.75 -32.36
C ILE A 260 33.22 11.80 -31.69
N ALA A 261 32.95 12.04 -30.41
CA ALA A 261 32.01 11.22 -29.66
C ALA A 261 30.64 11.19 -30.32
N PHE A 262 30.25 12.32 -30.92
CA PHE A 262 28.98 12.47 -31.61
C PHE A 262 28.92 11.59 -32.84
N LEU A 263 30.04 10.96 -33.18
CA LEU A 263 30.07 10.02 -34.28
C LEU A 263 30.46 8.62 -33.82
N ILE A 264 31.09 8.54 -32.64
CA ILE A 264 31.59 7.28 -32.08
C ILE A 264 30.55 6.15 -32.08
N CYS A 265 29.32 6.47 -31.70
CA CYS A 265 28.23 5.50 -31.68
C CYS A 265 27.15 5.82 -32.71
N TRP A 266 27.14 7.06 -33.16
CA TRP A 266 26.09 7.55 -34.05
C TRP A 266 26.24 7.10 -35.49
N LEU A 267 27.45 6.70 -35.86
CA LEU A 267 27.66 6.10 -37.16
C LEU A 267 27.25 4.62 -37.14
N PRO A 268 27.73 3.82 -36.15
CA PRO A 268 27.24 2.44 -36.01
C PRO A 268 25.72 2.34 -36.02
N TYR A 269 25.05 3.38 -35.55
CA TYR A 269 23.60 3.41 -35.60
C TYR A 269 23.11 3.98 -36.94
N ALA A 270 23.35 5.27 -37.16
CA ALA A 270 22.76 5.98 -38.31
C ALA A 270 23.23 5.48 -39.67
N GLY A 271 24.52 5.19 -39.78
CA GLY A 271 25.11 4.65 -40.99
C GLY A 271 24.53 3.28 -41.31
N VAL A 272 24.15 2.56 -40.26
CA VAL A 272 23.48 1.27 -40.39
C VAL A 272 21.99 1.47 -40.65
N ALA A 273 21.46 2.61 -40.20
CA ALA A 273 20.07 2.98 -40.47
C ALA A 273 19.86 3.21 -41.96
N PHE A 274 20.95 3.56 -42.64
CA PHE A 274 20.99 3.60 -44.10
C PHE A 274 20.87 2.18 -44.68
N TYR A 275 21.74 1.26 -44.22
CA TYR A 275 21.78 -0.14 -44.68
C TYR A 275 20.38 -0.76 -44.61
N ILE A 276 19.73 -0.61 -43.46
CA ILE A 276 18.38 -1.10 -43.27
C ILE A 276 17.44 -0.43 -44.26
N PHE A 277 17.53 0.90 -44.35
CA PHE A 277 16.64 1.67 -45.22
C PHE A 277 16.74 1.27 -46.68
N THR A 278 17.91 0.78 -47.09
CA THR A 278 18.12 0.38 -48.48
C THR A 278 17.74 -1.07 -48.77
N HIS A 279 17.58 -1.86 -47.71
CA HIS A 279 17.38 -3.31 -47.86
C HIS A 279 15.98 -3.83 -47.51
N GLN A 280 15.24 -3.07 -46.69
CA GLN A 280 13.76 -3.16 -46.49
C GLN A 280 13.03 -4.50 -46.41
N GLY A 281 13.69 -5.60 -46.79
CA GLY A 281 13.09 -6.92 -46.74
C GLY A 281 14.22 -7.87 -46.47
N SER A 282 15.27 -7.31 -45.87
CA SER A 282 16.55 -7.98 -45.69
C SER A 282 16.50 -8.90 -44.48
N ASP A 283 17.44 -9.84 -44.43
CA ASP A 283 17.48 -10.91 -43.42
C ASP A 283 18.29 -10.51 -42.20
N PHE A 284 17.91 -9.42 -41.55
CA PHE A 284 18.78 -8.77 -40.57
C PHE A 284 18.44 -8.95 -39.09
N GLY A 285 17.64 -9.95 -38.75
CA GLY A 285 17.30 -10.27 -37.34
C GLY A 285 17.13 -9.13 -36.32
N PRO A 286 17.08 -9.47 -35.02
CA PRO A 286 16.93 -8.47 -33.96
C PRO A 286 18.23 -7.81 -33.50
N ILE A 287 19.29 -8.61 -33.41
CA ILE A 287 20.60 -8.18 -32.88
C ILE A 287 21.18 -6.99 -33.66
N PHE A 288 20.78 -6.91 -34.94
CA PHE A 288 21.31 -5.94 -35.88
C PHE A 288 21.21 -4.51 -35.40
N MET A 289 20.04 -4.12 -34.92
CA MET A 289 19.77 -2.73 -34.59
C MET A 289 19.89 -2.45 -33.10
N THR A 290 19.97 -3.52 -32.32
CA THR A 290 19.87 -3.40 -30.87
C THR A 290 21.08 -2.71 -30.27
N ILE A 291 22.24 -3.33 -30.35
CA ILE A 291 23.45 -2.78 -29.71
C ILE A 291 23.72 -1.33 -30.14
N PRO A 292 23.61 -1.03 -31.45
CA PRO A 292 23.83 0.35 -31.89
C PRO A 292 22.79 1.34 -31.36
N ALA A 293 21.56 0.87 -31.22
CA ALA A 293 20.51 1.70 -30.68
C ALA A 293 20.80 2.15 -29.25
N PHE A 294 21.21 1.20 -28.41
CA PHE A 294 21.41 1.47 -26.97
C PHE A 294 22.78 2.10 -26.70
N PHE A 295 23.76 1.77 -27.51
CA PHE A 295 25.03 2.49 -27.48
C PHE A 295 24.79 3.92 -27.92
N ALA A 296 23.94 4.10 -28.93
CA ALA A 296 23.53 5.44 -29.34
C ALA A 296 22.88 6.16 -28.18
N LYS A 297 22.28 5.39 -27.28
CA LYS A 297 21.56 5.94 -26.13
C LYS A 297 22.47 6.38 -24.98
N THR A 298 23.76 6.11 -25.10
CA THR A 298 24.72 6.59 -24.12
C THR A 298 25.05 8.06 -24.37
N SER A 299 24.30 8.67 -25.28
CA SER A 299 24.57 10.03 -25.73
C SER A 299 24.03 11.12 -24.80
N ALA A 300 23.74 10.76 -23.55
CA ALA A 300 23.29 11.73 -22.57
C ALA A 300 24.34 11.92 -21.47
N VAL A 301 25.19 10.90 -21.31
CA VAL A 301 26.12 10.83 -20.19
C VAL A 301 27.58 11.25 -20.51
N TYR A 302 28.14 10.83 -21.65
CA TYR A 302 29.54 11.17 -21.94
C TYR A 302 29.75 12.64 -22.26
N ASN A 303 28.70 13.34 -22.69
CA ASN A 303 28.80 14.76 -23.05
C ASN A 303 29.29 15.66 -21.93
N PRO A 304 28.63 15.60 -20.75
CA PRO A 304 29.20 16.24 -19.56
C PRO A 304 30.56 15.68 -19.08
N VAL A 305 30.81 14.38 -19.29
CA VAL A 305 32.08 13.75 -18.87
C VAL A 305 33.31 14.31 -19.63
N ILE A 306 33.08 14.83 -20.83
CA ILE A 306 34.10 15.60 -21.53
C ILE A 306 34.04 17.06 -21.06
N TYR A 307 32.83 17.61 -20.95
CA TYR A 307 32.61 19.01 -20.59
C TYR A 307 33.11 19.37 -19.19
N ILE A 308 32.98 18.41 -18.26
CA ILE A 308 33.51 18.61 -16.92
C ILE A 308 35.02 18.36 -16.92
N MET A 309 35.43 17.22 -17.46
CA MET A 309 36.83 16.77 -17.41
C MET A 309 37.81 17.55 -18.31
N MET A 310 37.49 17.62 -19.60
CA MET A 310 38.37 18.25 -20.57
C MET A 310 38.14 19.76 -20.73
N ASN A 311 37.14 20.30 -20.05
CA ASN A 311 37.00 21.74 -19.91
C ASN A 311 37.28 22.12 -18.47
N LYS A 312 38.57 22.25 -18.15
CA LYS A 312 38.98 22.59 -16.79
C LYS A 312 38.49 24.00 -16.40
N GLN A 313 38.30 24.85 -17.42
CA GLN A 313 37.75 26.21 -17.29
C GLN A 313 36.56 26.33 -16.35
N PHE A 314 35.76 25.26 -16.29
CA PHE A 314 34.49 25.22 -15.56
C PHE A 314 34.55 24.24 -14.36
N ARG A 315 35.56 23.37 -14.35
CA ARG A 315 35.67 22.28 -13.37
C ARG A 315 35.93 22.74 -11.93
N ASN A 316 36.04 24.05 -11.74
CA ASN A 316 36.30 24.65 -10.42
C ASN A 316 35.02 25.06 -9.69
N CYS A 317 34.04 25.55 -10.46
CA CYS A 317 32.73 25.94 -9.94
C CYS A 317 31.97 24.74 -9.36
N MET A 318 32.28 23.56 -9.87
CA MET A 318 31.68 22.28 -9.45
C MET A 318 32.22 21.80 -8.09
N VAL A 319 33.54 21.89 -7.91
CA VAL A 319 34.19 21.51 -6.66
C VAL A 319 33.82 22.46 -5.50
N THR A 320 33.26 23.62 -5.82
CA THR A 320 32.82 24.61 -4.81
C THR A 320 31.55 24.15 -4.03
N THR A 321 30.73 23.32 -4.67
CA THR A 321 29.55 22.73 -4.03
C THR A 321 29.92 21.55 -3.14
N LEU A 322 30.97 20.81 -3.55
CA LEU A 322 31.47 19.60 -2.84
C LEU A 322 32.08 19.85 -1.47
N CYS A 323 32.85 20.91 -1.34
CA CYS A 323 33.60 21.26 -0.13
C CYS A 323 32.66 22.07 0.73
N CYS A 324 32.37 23.25 0.14
CA CYS A 324 31.45 24.36 0.51
C CYS A 324 31.98 25.42 1.52
N GLY A 325 33.30 25.52 1.60
CA GLY A 325 33.98 26.45 2.52
C GLY A 325 35.31 25.89 3.03
N LYS A 326 36.27 25.76 2.13
CA LYS A 326 37.60 25.18 2.41
C LYS A 326 38.74 26.14 1.96
N ASN A 327 39.98 25.82 2.33
CA ASN A 327 41.18 26.58 1.95
C ASN A 327 41.80 26.05 0.65
C ACE B 1 -15.46 -3.26 14.49
O ACE B 1 -14.72 -2.80 15.38
CH3 ACE B 1 -16.79 -3.89 14.81
N MET B 2 -15.02 -3.58 13.27
CA MET B 2 -13.63 -3.92 13.11
C MET B 2 -12.81 -2.77 12.55
N ASN B 3 -11.50 -2.87 12.77
CA ASN B 3 -10.58 -1.79 12.50
C ASN B 3 -9.91 -1.91 11.13
N GLY B 4 -9.44 -3.11 10.81
CA GLY B 4 -8.82 -3.42 9.51
C GLY B 4 -9.28 -4.73 8.91
N THR B 5 -8.36 -5.43 8.23
CA THR B 5 -8.66 -6.75 7.66
C THR B 5 -7.46 -7.70 7.69
N GLU B 6 -7.70 -8.94 8.13
CA GLU B 6 -6.70 -10.00 8.12
C GLU B 6 -6.89 -10.86 6.86
N GLY B 7 -5.87 -11.65 6.54
CA GLY B 7 -5.90 -12.61 5.44
C GLY B 7 -4.97 -13.79 5.72
N PRO B 8 -4.82 -14.71 4.74
CA PRO B 8 -3.87 -15.83 4.88
C PRO B 8 -2.41 -15.37 4.93
N ASN B 9 -2.13 -14.31 4.18
CA ASN B 9 -0.79 -13.73 4.10
C ASN B 9 -0.75 -12.21 4.32
N PHE B 10 -1.90 -11.56 4.28
CA PHE B 10 -1.96 -10.10 4.26
C PHE B 10 -2.75 -9.47 5.40
N TYR B 11 -2.14 -8.49 6.07
CA TYR B 11 -2.89 -7.61 6.94
C TYR B 11 -2.96 -6.26 6.25
N VAL B 12 -4.17 -5.73 6.15
CA VAL B 12 -4.36 -4.38 5.64
C VAL B 12 -5.16 -3.56 6.63
N PRO B 13 -4.58 -2.45 7.12
CA PRO B 13 -5.19 -1.57 8.11
C PRO B 13 -6.30 -0.67 7.55
N PHE B 14 -7.31 -1.31 6.96
CA PHE B 14 -8.55 -0.66 6.54
C PHE B 14 -9.66 -1.72 6.57
N SER B 15 -10.81 -1.34 7.09
CA SER B 15 -11.96 -2.24 7.19
C SER B 15 -12.51 -2.51 5.80
N ASN B 16 -13.01 -3.72 5.55
CA ASN B 16 -13.73 -3.98 4.29
C ASN B 16 -15.12 -3.34 4.31
N LYS B 17 -15.19 -2.21 5.03
CA LYS B 17 -16.43 -1.46 5.27
C LYS B 17 -17.11 -1.02 3.97
N THR B 18 -16.31 -0.46 3.07
CA THR B 18 -16.81 -0.05 1.78
C THR B 18 -16.87 -1.24 0.82
N GLY B 19 -15.94 -2.18 0.98
CA GLY B 19 -15.84 -3.34 0.10
C GLY B 19 -14.85 -3.13 -1.04
N VAL B 20 -14.12 -2.03 -0.99
CA VAL B 20 -13.12 -1.70 -2.01
C VAL B 20 -11.72 -2.16 -1.55
N VAL B 21 -11.65 -2.64 -0.32
CA VAL B 21 -10.42 -3.19 0.20
C VAL B 21 -10.28 -4.58 -0.35
N ARG B 22 -9.09 -4.85 -0.90
CA ARG B 22 -8.79 -6.14 -1.51
C ARG B 22 -7.41 -6.65 -1.08
N SER B 23 -6.81 -7.51 -1.92
CA SER B 23 -5.49 -8.11 -1.65
C SER B 23 -4.35 -7.31 -2.29
N PRO B 24 -3.24 -7.12 -1.55
CA PRO B 24 -2.14 -6.32 -2.08
C PRO B 24 -1.27 -7.08 -3.08
N PHE B 25 -1.55 -8.36 -3.29
CA PHE B 25 -0.74 -9.18 -4.20
C PHE B 25 -1.20 -9.13 -5.65
N GLU B 26 -2.40 -8.61 -5.88
CA GLU B 26 -2.98 -8.54 -7.22
C GLU B 26 -3.42 -7.13 -7.59
N ALA B 27 -3.96 -6.42 -6.62
CA ALA B 27 -4.63 -5.16 -6.89
C ALA B 27 -3.82 -3.94 -6.47
N PRO B 28 -3.89 -2.86 -7.25
CA PRO B 28 -3.30 -1.59 -6.85
C PRO B 28 -4.16 -1.00 -5.73
N GLN B 29 -3.55 -0.80 -4.56
CA GLN B 29 -4.29 -0.40 -3.36
C GLN B 29 -4.59 1.11 -3.33
N TYR B 30 -5.10 1.63 -4.43
CA TYR B 30 -5.44 3.05 -4.56
C TYR B 30 -6.59 3.43 -3.62
N TYR B 31 -7.35 2.42 -3.18
CA TYR B 31 -8.44 2.61 -2.23
C TYR B 31 -7.95 3.13 -0.88
N LEU B 32 -6.65 3.01 -0.62
CA LEU B 32 -6.06 3.39 0.66
C LEU B 32 -6.01 4.90 0.89
N ALA B 33 -5.35 5.61 -0.01
CA ALA B 33 -5.20 7.06 0.13
C ALA B 33 -5.02 7.75 -1.23
N GLU B 34 -4.23 8.82 -1.24
CA GLU B 34 -4.04 9.65 -2.43
C GLU B 34 -2.86 9.18 -3.29
N PRO B 35 -3.07 9.06 -4.60
CA PRO B 35 -2.06 8.55 -5.54
C PRO B 35 -0.82 9.44 -5.71
N TRP B 36 -0.97 10.75 -5.53
CA TRP B 36 0.19 11.66 -5.61
C TRP B 36 1.18 11.40 -4.47
N GLN B 37 0.69 10.92 -3.33
CA GLN B 37 1.54 10.46 -2.24
C GLN B 37 2.15 9.09 -2.54
N PHE B 38 1.42 8.25 -3.28
CA PHE B 38 1.92 6.94 -3.74
C PHE B 38 3.19 7.11 -4.56
N SER B 39 3.09 7.85 -5.66
CA SER B 39 4.23 8.14 -6.49
C SER B 39 5.25 9.05 -5.76
N MET B 40 4.80 9.77 -4.74
CA MET B 40 5.70 10.60 -3.94
C MET B 40 6.63 9.72 -3.12
N LEU B 41 6.16 8.53 -2.77
CA LEU B 41 7.00 7.56 -2.07
C LEU B 41 8.08 7.01 -2.98
N ALA B 42 7.71 6.69 -4.22
CA ALA B 42 8.67 6.23 -5.22
C ALA B 42 9.61 7.36 -5.70
N ALA B 43 9.07 8.57 -5.80
CA ALA B 43 9.85 9.75 -6.19
C ALA B 43 10.93 10.00 -5.15
N TYR B 44 10.58 9.75 -3.88
CA TYR B 44 11.52 9.77 -2.77
C TYR B 44 12.35 8.49 -2.77
N MET B 45 11.83 7.43 -3.39
CA MET B 45 12.56 6.17 -3.49
C MET B 45 13.69 6.16 -4.51
N PHE B 46 13.47 6.72 -5.69
CA PHE B 46 14.56 6.74 -6.65
C PHE B 46 15.72 7.54 -6.11
N LEU B 47 15.43 8.71 -5.55
CA LEU B 47 16.44 9.56 -4.94
C LEU B 47 17.23 8.81 -3.85
N LEU B 48 16.65 7.73 -3.36
CA LEU B 48 17.33 6.84 -2.44
C LEU B 48 18.29 5.91 -3.18
N ILE B 49 17.73 4.95 -3.91
CA ILE B 49 18.52 3.92 -4.60
C ILE B 49 19.66 4.57 -5.36
N MET B 50 19.29 5.53 -6.21
CA MET B 50 20.24 6.34 -6.99
C MET B 50 21.51 6.72 -6.21
N LEU B 51 21.36 7.31 -5.04
CA LEU B 51 22.48 7.87 -4.30
C LEU B 51 23.24 6.82 -3.47
N GLY B 52 22.57 5.70 -3.17
CA GLY B 52 23.18 4.61 -2.40
C GLY B 52 24.16 3.78 -3.20
N PHE B 53 24.31 4.13 -4.47
CA PHE B 53 25.22 3.44 -5.36
C PHE B 53 26.61 4.10 -5.34
N PRO B 54 26.72 5.38 -5.75
CA PRO B 54 28.06 5.94 -5.92
C PRO B 54 28.74 6.23 -4.59
N ILE B 55 27.95 6.24 -3.51
CA ILE B 55 28.45 6.50 -2.16
C ILE B 55 28.76 5.17 -1.45
N ASN B 56 28.20 4.08 -1.97
CA ASN B 56 28.53 2.73 -1.51
C ASN B 56 29.59 2.05 -2.37
N PHE B 57 29.41 2.15 -3.69
CA PHE B 57 30.26 1.49 -4.69
C PHE B 57 31.69 2.00 -4.69
N LEU B 58 31.88 3.32 -4.66
CA LEU B 58 33.23 3.89 -4.67
C LEU B 58 33.96 3.57 -3.36
N THR B 59 33.21 3.12 -2.36
CA THR B 59 33.74 2.75 -1.04
C THR B 59 34.33 1.33 -1.01
N LEU B 60 33.70 0.40 -1.73
CA LEU B 60 34.26 -0.93 -1.90
C LEU B 60 35.54 -0.87 -2.75
N TYR B 61 35.54 0.04 -3.72
CA TYR B 61 36.64 0.19 -4.67
C TYR B 61 37.79 1.03 -4.13
N VAL B 62 37.49 1.96 -3.22
CA VAL B 62 38.53 2.78 -2.57
C VAL B 62 39.38 1.96 -1.59
N THR B 63 38.84 0.82 -1.14
CA THR B 63 39.55 -0.13 -0.26
C THR B 63 40.35 -1.18 -1.04
N VAL B 64 39.81 -1.65 -2.16
CA VAL B 64 40.51 -2.59 -3.05
C VAL B 64 41.64 -1.89 -3.84
N GLN B 65 41.39 -0.66 -4.29
CA GLN B 65 42.40 0.22 -4.92
C GLN B 65 43.55 0.51 -3.94
N HIS B 66 43.21 0.86 -2.70
CA HIS B 66 44.19 1.15 -1.66
C HIS B 66 44.59 -0.09 -0.87
N LYS B 67 45.73 -0.66 -1.26
CA LYS B 67 46.36 -1.76 -0.50
C LYS B 67 46.99 -1.23 0.81
N LYS B 68 46.62 -0.01 1.19
CA LYS B 68 47.11 0.63 2.42
C LYS B 68 45.99 0.82 3.47
N LEU B 69 44.79 0.31 3.19
CA LEU B 69 43.63 0.48 4.09
C LEU B 69 43.09 -0.84 4.64
N ARG B 70 43.98 -1.68 5.15
CA ARG B 70 43.58 -2.94 5.77
C ARG B 70 43.61 -2.85 7.30
N THR B 71 42.99 -1.79 7.83
CA THR B 71 42.88 -1.60 9.28
C THR B 71 41.54 -2.12 9.83
N PRO B 72 41.51 -2.55 11.13
CA PRO B 72 40.27 -3.04 11.77
C PRO B 72 39.15 -1.99 11.90
N LEU B 73 39.46 -0.74 11.55
CA LEU B 73 38.45 0.31 11.37
C LEU B 73 37.78 0.15 10.00
N ASN B 74 38.61 -0.04 8.98
CA ASN B 74 38.14 -0.20 7.59
C ASN B 74 37.49 -1.55 7.32
N TYR B 75 37.91 -2.58 8.04
CA TYR B 75 37.32 -3.93 7.93
C TYR B 75 35.83 -3.92 8.27
N ILE B 76 35.50 -3.28 9.41
CA ILE B 76 34.12 -3.13 9.86
C ILE B 76 33.37 -2.13 8.97
N LEU B 77 34.06 -1.09 8.52
CA LEU B 77 33.44 -0.03 7.73
C LEU B 77 33.45 -0.21 6.20
N LEU B 78 34.02 -1.33 5.74
CA LEU B 78 33.80 -1.80 4.38
C LEU B 78 32.56 -2.70 4.37
N ASN B 79 32.38 -3.45 5.45
CA ASN B 79 31.25 -4.37 5.60
C ASN B 79 29.87 -3.74 5.31
N LEU B 80 29.78 -2.41 5.48
CA LEU B 80 28.59 -1.63 5.12
C LEU B 80 28.49 -1.41 3.61
N ALA B 81 29.57 -0.91 3.01
CA ALA B 81 29.64 -0.68 1.56
C ALA B 81 29.17 -1.88 0.74
N VAL B 82 29.49 -3.08 1.24
CA VAL B 82 29.08 -4.33 0.62
C VAL B 82 27.63 -4.64 0.95
N ALA B 83 27.32 -4.70 2.25
CA ALA B 83 25.98 -5.08 2.73
C ALA B 83 24.85 -4.17 2.21
N ASP B 84 25.12 -2.86 2.10
CA ASP B 84 24.15 -1.90 1.55
C ASP B 84 23.89 -2.13 0.07
N LEU B 85 24.94 -2.47 -0.68
CA LEU B 85 24.81 -2.71 -2.12
C LEU B 85 23.98 -3.94 -2.43
N PHE B 86 23.98 -4.92 -1.50
CA PHE B 86 23.06 -6.04 -1.57
C PHE B 86 21.61 -5.53 -1.49
N MET B 87 21.38 -4.53 -0.65
CA MET B 87 20.06 -3.91 -0.48
C MET B 87 19.60 -3.16 -1.72
N VAL B 88 20.46 -2.27 -2.23
CA VAL B 88 20.17 -1.51 -3.44
C VAL B 88 19.91 -2.43 -4.63
N PHE B 89 20.70 -3.50 -4.73
CA PHE B 89 20.54 -4.54 -5.76
C PHE B 89 19.68 -5.72 -5.31
N GLY B 90 18.68 -5.44 -4.47
CA GLY B 90 17.80 -6.49 -3.94
C GLY B 90 16.57 -5.92 -3.26
N GLY B 91 16.79 -5.32 -2.09
CA GLY B 91 15.72 -4.71 -1.31
C GLY B 91 15.02 -3.54 -2.00
N PHE B 92 15.81 -2.63 -2.57
CA PHE B 92 15.27 -1.45 -3.25
C PHE B 92 14.69 -1.75 -4.63
N THR B 93 15.22 -2.80 -5.27
CA THR B 93 14.69 -3.29 -6.53
C THR B 93 13.20 -3.67 -6.39
N THR B 94 12.87 -4.39 -5.32
CA THR B 94 11.50 -4.89 -5.08
C THR B 94 10.53 -3.74 -4.80
N THR B 95 10.91 -2.86 -3.87
CA THR B 95 10.04 -1.79 -3.38
C THR B 95 9.59 -0.83 -4.48
N LEU B 96 10.50 -0.54 -5.40
CA LEU B 96 10.24 0.37 -6.49
C LEU B 96 9.01 -0.09 -7.27
N TYR B 97 9.13 -1.25 -7.92
CA TYR B 97 8.06 -1.85 -8.72
C TYR B 97 6.74 -1.78 -7.97
N THR B 98 6.84 -1.93 -6.66
CA THR B 98 5.70 -1.93 -5.77
C THR B 98 5.12 -0.52 -5.62
N SER B 99 5.98 0.45 -5.39
CA SER B 99 5.53 1.81 -5.10
C SER B 99 4.90 2.51 -6.30
N LEU B 100 5.42 2.24 -7.48
CA LEU B 100 5.02 2.94 -8.70
C LEU B 100 3.65 2.52 -9.22
N HIS B 101 3.28 1.28 -8.91
CA HIS B 101 1.97 0.71 -9.30
C HIS B 101 0.95 0.77 -8.15
N GLY B 102 1.44 0.53 -6.94
CA GLY B 102 0.62 0.53 -5.75
C GLY B 102 0.36 -0.84 -5.19
N TYR B 103 1.28 -1.79 -5.41
CA TYR B 103 1.14 -3.13 -4.84
C TYR B 103 2.27 -4.07 -5.22
N PHE B 104 2.46 -5.10 -4.39
CA PHE B 104 3.49 -6.12 -4.60
C PHE B 104 3.12 -7.10 -5.72
N VAL B 105 3.74 -6.93 -6.88
CA VAL B 105 3.43 -7.72 -8.09
C VAL B 105 4.01 -9.14 -8.06
N PHE B 106 5.28 -9.25 -7.64
CA PHE B 106 5.93 -10.55 -7.42
C PHE B 106 5.19 -11.22 -6.27
N GLY B 107 4.78 -10.40 -5.30
CA GLY B 107 3.84 -10.79 -4.26
C GLY B 107 4.42 -11.70 -3.19
N PRO B 108 3.81 -12.90 -3.02
CA PRO B 108 4.14 -13.88 -1.97
C PRO B 108 5.62 -14.29 -1.94
N THR B 109 6.21 -14.45 -3.12
CA THR B 109 7.64 -14.72 -3.26
C THR B 109 8.44 -13.42 -3.13
N GLY B 110 7.87 -12.33 -3.66
CA GLY B 110 8.55 -11.04 -3.77
C GLY B 110 8.67 -10.20 -2.51
N CYS B 111 7.60 -10.17 -1.72
CA CYS B 111 7.65 -9.52 -0.42
C CYS B 111 8.87 -10.02 0.33
N ASN B 112 9.03 -11.35 0.32
CA ASN B 112 10.11 -12.05 1.01
C ASN B 112 11.52 -11.62 0.60
N LEU B 113 11.59 -10.57 -0.22
CA LEU B 113 12.87 -9.98 -0.62
C LEU B 113 13.08 -8.65 0.06
N GLU B 114 12.23 -7.66 -0.26
CA GLU B 114 12.37 -6.32 0.32
C GLU B 114 12.30 -6.40 1.84
N GLY B 115 11.42 -7.26 2.35
CA GLY B 115 11.29 -7.48 3.79
C GLY B 115 12.52 -8.12 4.38
N PHE B 116 13.20 -8.94 3.56
CA PHE B 116 14.36 -9.69 4.02
C PHE B 116 15.64 -8.87 4.07
N PHE B 117 15.92 -8.17 2.98
CA PHE B 117 17.14 -7.37 2.86
C PHE B 117 17.16 -6.20 3.85
N ALA B 118 16.00 -5.55 4.01
CA ALA B 118 15.81 -4.50 5.04
C ALA B 118 16.10 -5.04 6.45
N THR B 119 15.90 -6.35 6.64
CA THR B 119 16.22 -7.07 7.89
C THR B 119 17.67 -7.60 7.87
N LEU B 120 18.29 -7.66 6.69
CA LEU B 120 19.69 -8.01 6.59
C LEU B 120 20.45 -6.76 6.14
N GLY B 121 20.12 -5.64 6.78
CA GLY B 121 20.77 -4.35 6.49
C GLY B 121 20.99 -3.50 7.74
N GLY B 122 19.89 -3.13 8.39
CA GLY B 122 19.95 -2.44 9.69
C GLY B 122 19.95 -3.44 10.83
N GLU B 123 20.51 -4.62 10.56
CA GLU B 123 20.66 -5.71 11.54
C GLU B 123 22.10 -6.24 11.53
N ILE B 124 22.69 -6.32 10.33
CA ILE B 124 24.09 -6.68 10.16
C ILE B 124 25.02 -5.51 10.55
N ALA B 125 24.46 -4.29 10.50
CA ALA B 125 25.15 -3.06 10.93
C ALA B 125 25.00 -2.87 12.44
N LEU B 126 23.98 -3.51 13.01
CA LEU B 126 23.78 -3.55 14.45
C LEU B 126 24.80 -4.48 15.11
N TRP B 127 25.17 -5.55 14.40
CA TRP B 127 26.21 -6.48 14.87
C TRP B 127 27.62 -6.01 14.52
N SER B 128 27.70 -5.02 13.64
CA SER B 128 28.95 -4.30 13.37
C SER B 128 29.14 -3.15 14.36
N LEU B 129 28.07 -2.43 14.68
CA LEU B 129 28.12 -1.30 15.62
C LEU B 129 28.18 -1.70 17.10
N VAL B 130 28.25 -3.00 17.36
CA VAL B 130 28.64 -3.52 18.70
C VAL B 130 30.15 -3.75 18.74
N VAL B 131 30.69 -4.27 17.63
CA VAL B 131 32.14 -4.43 17.44
C VAL B 131 32.83 -3.05 17.33
N LEU B 132 32.12 -2.06 16.77
CA LEU B 132 32.63 -0.69 16.65
C LEU B 132 32.62 0.07 17.99
N ALA B 133 31.90 -0.45 18.97
CA ALA B 133 31.96 0.06 20.35
C ALA B 133 32.90 -0.79 21.18
N ILE B 134 33.33 -1.93 20.62
CA ILE B 134 34.29 -2.84 21.29
C ILE B 134 35.74 -2.65 20.81
N GLU B 135 35.90 -2.22 19.54
CA GLU B 135 37.20 -1.90 18.97
C GLU B 135 37.76 -0.61 19.59
N ARG B 136 36.83 0.26 20.00
CA ARG B 136 37.14 1.54 20.65
C ARG B 136 37.34 1.36 22.16
N TYR B 137 36.86 0.22 22.67
CA TYR B 137 36.79 -0.09 24.09
C TYR B 137 38.09 -0.71 24.62
N ARG B 148 46.13 -6.32 20.87
CA ARG B 148 46.23 -5.92 19.48
C ARG B 148 45.22 -6.69 18.61
N PHE B 149 44.60 -5.99 17.65
CA PHE B 149 43.64 -6.59 16.71
C PHE B 149 44.33 -7.05 15.40
N GLY B 150 44.03 -6.43 14.26
CA GLY B 150 44.82 -6.64 13.04
C GLY B 150 44.10 -7.12 11.79
N GLU B 151 44.38 -8.38 11.42
CA GLU B 151 43.74 -9.01 10.25
C GLU B 151 42.94 -10.27 10.61
N ASN B 152 43.60 -11.28 11.20
CA ASN B 152 42.93 -12.51 11.69
C ASN B 152 42.03 -12.28 12.92
N HIS B 153 42.07 -11.05 13.45
CA HIS B 153 41.17 -10.55 14.50
C HIS B 153 40.08 -9.62 13.92
N ALA B 154 40.39 -8.91 12.83
CA ALA B 154 39.45 -8.01 12.17
C ALA B 154 38.45 -8.73 11.25
N ILE B 155 38.75 -9.98 10.89
CA ILE B 155 37.81 -10.86 10.18
C ILE B 155 36.82 -11.51 11.15
N MET B 156 37.25 -11.68 12.41
CA MET B 156 36.45 -12.31 13.48
C MET B 156 35.27 -11.44 13.94
N GLY B 157 35.37 -10.12 13.71
CA GLY B 157 34.29 -9.16 14.01
C GLY B 157 33.38 -8.84 12.83
N VAL B 158 33.89 -9.12 11.63
CA VAL B 158 33.14 -8.98 10.37
C VAL B 158 32.33 -10.26 10.04
N ALA B 159 32.99 -11.42 10.07
CA ALA B 159 32.33 -12.70 9.80
C ALA B 159 31.30 -13.07 10.88
N PHE B 160 31.36 -12.35 12.01
CA PHE B 160 30.41 -12.48 13.13
C PHE B 160 29.08 -11.76 12.89
N THR B 161 29.12 -10.65 12.15
CA THR B 161 27.92 -9.83 11.85
C THR B 161 26.93 -10.57 10.96
N TRP B 162 27.46 -11.43 10.07
CA TRP B 162 26.65 -12.35 9.26
C TRP B 162 26.04 -13.46 10.10
N VAL B 163 26.84 -14.05 10.99
CA VAL B 163 26.42 -15.16 11.88
C VAL B 163 25.29 -14.75 12.84
N MET B 164 25.21 -13.45 13.16
CA MET B 164 24.18 -12.93 14.05
C MET B 164 22.98 -12.31 13.33
N ALA B 165 23.21 -11.79 12.12
CA ALA B 165 22.15 -11.27 11.25
C ALA B 165 21.34 -12.38 10.57
N LEU B 166 22.02 -13.46 10.18
CA LEU B 166 21.37 -14.67 9.64
C LEU B 166 20.58 -15.45 10.71
N ALA B 167 20.97 -15.25 11.96
CA ALA B 167 20.27 -15.86 13.10
C ALA B 167 18.88 -15.26 13.29
N CYS B 168 18.65 -14.10 12.68
CA CYS B 168 17.38 -13.38 12.85
C CYS B 168 16.81 -12.72 11.58
N ALA B 169 17.42 -12.98 10.42
CA ALA B 169 16.87 -12.46 9.16
C ALA B 169 16.28 -13.54 8.26
N ALA B 170 16.88 -14.73 8.28
CA ALA B 170 16.38 -15.87 7.49
C ALA B 170 15.23 -16.66 8.15
N PRO B 171 15.29 -16.88 9.50
CA PRO B 171 14.18 -17.53 10.22
C PRO B 171 12.74 -16.98 10.02
N PRO B 172 12.56 -15.64 9.89
CA PRO B 172 11.22 -15.21 9.49
C PRO B 172 10.82 -15.64 8.08
N LEU B 173 11.73 -15.51 7.11
CA LEU B 173 11.43 -15.93 5.73
C LEU B 173 10.77 -17.31 5.69
N VAL B 174 11.44 -18.31 6.28
CA VAL B 174 10.90 -19.67 6.39
C VAL B 174 11.18 -20.29 7.77
N GLY B 175 10.15 -20.91 8.36
CA GLY B 175 10.34 -21.75 9.55
C GLY B 175 9.75 -21.27 10.87
N TRP B 176 10.07 -20.02 11.24
CA TRP B 176 9.71 -19.49 12.57
C TRP B 176 8.80 -18.25 12.51
N SER B 177 8.77 -17.58 11.37
CA SER B 177 7.84 -16.48 11.17
C SER B 177 7.46 -16.34 9.69
N ARG B 178 7.33 -15.09 9.24
CA ARG B 178 6.92 -14.75 7.88
C ARG B 178 7.37 -13.34 7.50
N TYR B 179 7.45 -13.10 6.19
CA TYR B 179 7.69 -11.76 5.71
C TYR B 179 6.43 -11.24 5.04
N ILE B 180 6.00 -10.06 5.49
CA ILE B 180 4.63 -9.58 5.32
C ILE B 180 4.58 -8.07 5.06
N PRO B 181 3.63 -7.61 4.22
CA PRO B 181 3.51 -6.20 3.87
C PRO B 181 2.98 -5.34 5.01
N GLU B 182 3.24 -4.05 4.92
CA GLU B 182 3.00 -3.12 6.02
C GLU B 182 2.47 -1.76 5.53
N GLY B 183 2.01 -0.95 6.48
CA GLY B 183 1.71 0.46 6.25
C GLY B 183 0.89 0.73 5.02
N MET B 184 1.42 1.55 4.11
CA MET B 184 0.71 1.90 2.88
C MET B 184 0.80 0.78 1.87
N GLN B 185 1.24 -0.37 2.36
CA GLN B 185 1.34 -1.62 1.61
C GLN B 185 2.17 -1.54 0.34
N CYS B 186 3.21 -0.71 0.39
CA CYS B 186 4.25 -0.68 -0.65
C CYS B 186 5.57 -1.16 -0.04
N SER B 187 5.56 -1.33 1.29
CA SER B 187 6.69 -1.84 2.03
C SER B 187 6.36 -3.21 2.63
N CYS B 188 7.38 -3.95 3.04
CA CYS B 188 7.19 -5.24 3.71
C CYS B 188 7.98 -5.32 5.01
N GLY B 189 8.01 -6.51 5.60
CA GLY B 189 8.80 -6.79 6.80
C GLY B 189 8.27 -7.92 7.66
N ILE B 190 8.47 -7.79 8.97
CA ILE B 190 8.04 -8.80 9.93
C ILE B 190 6.63 -8.48 10.48
N ASP B 191 5.91 -9.51 10.91
CA ASP B 191 4.56 -9.37 11.47
C ASP B 191 4.58 -8.71 12.84
N TYR B 192 3.59 -7.85 13.10
CA TYR B 192 3.38 -7.25 14.43
C TYR B 192 1.93 -7.40 14.87
N TYR B 193 1.09 -7.79 13.92
CA TYR B 193 -0.36 -7.67 14.03
C TYR B 193 -1.04 -9.00 14.39
N THR B 194 -0.59 -10.07 13.75
CA THR B 194 -1.31 -11.35 13.73
C THR B 194 -0.73 -12.42 14.65
N PRO B 195 -1.61 -13.24 15.25
CA PRO B 195 -1.10 -14.43 15.91
C PRO B 195 -0.56 -15.42 14.89
N HIS B 196 -1.31 -15.61 13.80
CA HIS B 196 -1.02 -16.62 12.79
C HIS B 196 -0.23 -17.74 13.43
N GLU B 197 -0.91 -18.50 14.29
CA GLU B 197 -0.26 -19.53 15.13
C GLU B 197 0.13 -20.81 14.37
N GLU B 198 0.20 -20.69 13.05
CA GLU B 198 0.73 -21.72 12.17
C GLU B 198 2.26 -21.72 12.24
N THR B 199 2.86 -20.57 11.92
CA THR B 199 4.31 -20.43 11.87
C THR B 199 4.93 -20.01 13.21
N ASN B 200 4.10 -19.86 14.24
CA ASN B 200 4.53 -19.56 15.62
C ASN B 200 5.30 -18.24 15.73
N ASN B 201 4.58 -17.13 15.60
CA ASN B 201 5.19 -15.80 15.67
C ASN B 201 5.58 -15.37 17.08
N GLU B 202 4.67 -15.60 18.02
CA GLU B 202 4.81 -15.18 19.43
C GLU B 202 6.26 -15.21 19.97
N SER B 203 6.90 -16.38 19.86
CA SER B 203 8.26 -16.58 20.35
C SER B 203 9.28 -15.83 19.51
N PHE B 204 9.08 -15.84 18.20
CA PHE B 204 10.01 -15.17 17.28
C PHE B 204 10.06 -13.67 17.50
N VAL B 205 8.90 -13.07 17.76
CA VAL B 205 8.79 -11.63 17.99
C VAL B 205 9.74 -11.17 19.10
N ILE B 206 9.62 -11.82 20.25
CA ILE B 206 10.45 -11.52 21.42
C ILE B 206 11.93 -11.85 21.14
N TYR B 207 12.20 -13.07 20.67
CA TYR B 207 13.55 -13.48 20.24
C TYR B 207 14.15 -12.44 19.29
N MET B 208 13.30 -11.82 18.48
CA MET B 208 13.73 -10.76 17.60
C MET B 208 13.99 -9.47 18.37
N PHE B 209 12.93 -8.91 18.97
CA PHE B 209 12.98 -7.58 19.57
C PHE B 209 14.12 -7.46 20.59
N VAL B 210 14.17 -8.41 21.52
CA VAL B 210 15.08 -8.33 22.66
C VAL B 210 16.52 -8.65 22.26
N VAL B 211 16.73 -9.83 21.68
CA VAL B 211 18.07 -10.30 21.36
C VAL B 211 18.73 -9.48 20.25
N HIS B 212 17.91 -8.72 19.51
CA HIS B 212 18.40 -8.03 18.33
C HIS B 212 18.05 -6.54 18.23
N PHE B 213 17.48 -5.99 19.30
CA PHE B 213 17.32 -4.53 19.42
C PHE B 213 17.77 -4.07 20.81
N ILE B 214 17.09 -4.55 21.86
CA ILE B 214 17.31 -4.07 23.24
C ILE B 214 18.68 -4.51 23.81
N ILE B 215 19.03 -5.78 23.62
CA ILE B 215 20.30 -6.35 24.11
C ILE B 215 21.55 -5.81 23.39
N PRO B 216 21.56 -5.78 22.04
CA PRO B 216 22.67 -5.11 21.37
C PRO B 216 22.84 -3.65 21.80
N LEU B 217 21.73 -2.97 22.11
CA LEU B 217 21.77 -1.58 22.61
C LEU B 217 22.34 -1.42 24.03
N ILE B 218 21.89 -2.29 24.95
CA ILE B 218 22.37 -2.27 26.32
C ILE B 218 23.87 -2.63 26.41
N VAL B 219 24.32 -3.59 25.58
CA VAL B 219 25.75 -3.94 25.47
C VAL B 219 26.49 -3.04 24.46
N ILE B 220 25.87 -1.90 24.14
CA ILE B 220 26.54 -0.74 23.56
C ILE B 220 26.63 0.37 24.62
N PHE B 221 25.56 0.52 25.40
CA PHE B 221 25.52 1.51 26.50
C PHE B 221 26.43 1.16 27.68
N PHE B 222 26.59 -0.14 27.95
CA PHE B 222 27.58 -0.64 28.92
C PHE B 222 29.02 -0.32 28.52
N CYS B 223 29.31 -0.45 27.22
CA CYS B 223 30.62 -0.10 26.63
C CYS B 223 30.79 1.42 26.40
N TYR B 224 29.68 2.16 26.45
CA TYR B 224 29.69 3.60 26.25
C TYR B 224 29.82 4.39 27.56
N GLY B 225 28.99 4.06 28.55
CA GLY B 225 29.00 4.76 29.84
C GLY B 225 30.31 4.61 30.59
N GLN B 226 30.96 3.47 30.36
CA GLN B 226 32.27 3.13 30.92
C GLN B 226 33.43 3.72 30.10
N LEU B 227 33.12 4.64 29.18
CA LEU B 227 34.17 5.30 28.36
C LEU B 227 34.31 6.82 28.52
N VAL B 228 33.27 7.50 29.03
CA VAL B 228 33.37 8.91 29.46
C VAL B 228 34.21 8.94 30.76
N PHE B 229 34.02 7.89 31.57
CA PHE B 229 34.76 7.62 32.81
C PHE B 229 36.25 7.24 32.57
N THR B 230 36.51 6.52 31.47
CA THR B 230 37.89 6.11 31.09
C THR B 230 38.65 7.20 30.31
N VAL B 231 38.00 8.35 30.08
CA VAL B 231 38.66 9.51 29.45
C VAL B 231 39.23 10.47 30.51
N LYS B 232 38.52 10.62 31.62
CA LYS B 232 38.88 11.58 32.66
C LYS B 232 39.91 11.04 33.67
N GLU B 233 39.51 10.08 34.49
CA GLU B 233 40.32 9.64 35.64
C GLU B 233 41.22 8.40 35.39
N ALA B 234 40.82 7.56 34.43
CA ALA B 234 41.59 6.36 34.11
C ALA B 234 42.74 6.60 33.12
N ALA B 235 42.54 7.47 32.13
CA ALA B 235 43.52 7.70 31.04
C ALA B 235 44.63 8.75 31.28
N ALA B 236 44.58 9.43 32.43
CA ALA B 236 45.65 10.34 32.88
C ALA B 236 46.74 9.61 33.67
N GLN B 237 46.50 8.32 33.93
CA GLN B 237 47.46 7.42 34.61
C GLN B 237 48.06 6.38 33.65
N GLN B 238 47.34 6.08 32.56
CA GLN B 238 47.85 5.21 31.49
C GLN B 238 49.02 5.88 30.75
N GLN B 239 48.99 7.22 30.71
CA GLN B 239 50.05 8.07 30.11
C GLN B 239 50.38 7.82 28.63
N GLU B 240 49.35 7.90 27.79
CA GLU B 240 49.51 7.89 26.34
C GLU B 240 49.67 9.35 25.86
N SER B 241 50.29 9.52 24.69
CA SER B 241 50.67 10.85 24.18
C SER B 241 49.51 11.70 23.59
N ALA B 242 49.75 13.02 23.48
CA ALA B 242 48.77 13.97 22.94
C ALA B 242 48.76 14.03 21.40
N THR B 243 49.84 13.54 20.78
CA THR B 243 49.94 13.38 19.31
C THR B 243 49.18 12.14 18.81
N THR B 244 49.09 11.11 19.65
CA THR B 244 48.34 9.86 19.36
C THR B 244 46.82 10.07 19.43
N GLN B 245 46.37 10.84 20.42
CA GLN B 245 44.94 11.17 20.60
C GLN B 245 44.56 12.56 20.06
N LYS B 246 44.79 12.74 18.76
CA LYS B 246 44.35 13.91 17.99
C LYS B 246 43.28 13.43 16.98
N ALA B 247 43.62 12.36 16.24
CA ALA B 247 42.69 11.67 15.33
C ALA B 247 41.91 10.57 16.06
N GLU B 248 42.53 10.00 17.10
CA GLU B 248 41.88 9.05 18.02
C GLU B 248 40.84 9.75 18.88
N LYS B 249 40.88 11.08 18.90
CA LYS B 249 39.91 11.89 19.62
C LYS B 249 38.85 12.48 18.65
N GLU B 250 38.96 12.10 17.37
CA GLU B 250 38.05 12.54 16.30
C GLU B 250 37.28 11.36 15.68
N VAL B 251 37.97 10.23 15.52
CA VAL B 251 37.39 9.00 14.96
C VAL B 251 36.38 8.36 15.92
N THR B 252 36.68 8.43 17.22
CA THR B 252 35.73 8.07 18.26
C THR B 252 34.51 8.97 18.16
N ARG B 253 34.78 10.27 18.03
CA ARG B 253 33.74 11.29 17.93
C ARG B 253 33.04 11.33 16.55
N MET B 254 33.26 10.28 15.76
CA MET B 254 32.46 10.00 14.57
C MET B 254 31.75 8.65 14.71
N VAL B 255 32.51 7.64 15.16
CA VAL B 255 32.06 6.26 15.29
C VAL B 255 30.85 6.10 16.21
N ILE B 256 30.81 6.95 17.25
CA ILE B 256 29.67 6.97 18.17
C ILE B 256 28.65 8.08 17.82
N ILE B 257 28.84 8.72 16.65
CA ILE B 257 27.78 9.53 15.99
C ILE B 257 26.96 8.64 15.05
N MET B 258 27.59 7.57 14.57
CA MET B 258 26.92 6.52 13.80
C MET B 258 25.94 5.71 14.64
N VAL B 259 26.24 5.57 15.93
CA VAL B 259 25.31 4.99 16.91
C VAL B 259 24.06 5.86 17.02
N ILE B 260 24.24 7.18 17.01
CA ILE B 260 23.11 8.11 17.05
C ILE B 260 22.19 7.94 15.85
N ALA B 261 22.77 7.99 14.66
CA ALA B 261 22.01 7.81 13.41
C ALA B 261 21.27 6.48 13.38
N PHE B 262 21.89 5.47 13.96
CA PHE B 262 21.31 4.13 14.06
C PHE B 262 20.05 4.13 14.92
N LEU B 263 19.77 5.25 15.57
CA LEU B 263 18.55 5.39 16.36
C LEU B 263 17.67 6.52 15.83
N ILE B 264 18.26 7.42 15.05
CA ILE B 264 17.56 8.61 14.52
C ILE B 264 16.24 8.26 13.84
N CYS B 265 16.24 7.21 13.03
CA CYS B 265 15.04 6.77 12.33
C CYS B 265 14.56 5.41 12.83
N TRP B 266 15.45 4.67 13.49
CA TRP B 266 15.18 3.30 13.94
C TRP B 266 14.30 3.17 15.18
N LEU B 267 14.22 4.26 15.94
CA LEU B 267 13.27 4.34 17.05
C LEU B 267 11.86 4.70 16.53
N PRO B 268 11.72 5.80 15.73
CA PRO B 268 10.42 6.07 15.10
C PRO B 268 9.81 4.85 14.38
N TYR B 269 10.66 3.95 13.90
CA TYR B 269 10.18 2.70 13.31
C TYR B 269 10.01 1.63 14.39
N ALA B 270 11.12 1.14 14.95
CA ALA B 270 11.09 -0.02 15.86
C ALA B 270 10.30 0.20 17.16
N GLY B 271 10.45 1.39 17.76
CA GLY B 271 9.71 1.75 18.98
C GLY B 271 8.21 1.83 18.73
N VAL B 272 7.84 2.15 17.49
CA VAL B 272 6.45 2.15 17.05
C VAL B 272 6.02 0.74 16.65
N ALA B 273 6.98 -0.10 16.27
CA ALA B 273 6.73 -1.51 15.96
C ALA B 273 6.28 -2.25 17.22
N PHE B 274 6.67 -1.71 18.36
CA PHE B 274 6.20 -2.14 19.67
C PHE B 274 4.71 -1.75 19.84
N TYR B 275 4.40 -0.47 19.65
CA TYR B 275 3.04 0.07 19.77
C TYR B 275 2.05 -0.76 18.97
N ILE B 276 2.40 -1.03 17.71
CA ILE B 276 1.59 -1.86 16.83
C ILE B 276 1.47 -3.26 17.41
N PHE B 277 2.61 -3.82 17.81
CA PHE B 277 2.63 -5.17 18.32
C PHE B 277 1.78 -5.35 19.58
N THR B 278 1.62 -4.28 20.36
CA THR B 278 0.83 -4.34 21.59
C THR B 278 -0.67 -4.07 21.38
N HIS B 279 -1.03 -3.50 20.22
CA HIS B 279 -2.39 -3.04 19.97
C HIS B 279 -3.20 -3.85 18.92
N GLN B 280 -2.48 -4.58 18.06
CA GLN B 280 -3.00 -5.71 17.23
C GLN B 280 -4.38 -5.66 16.56
N GLY B 281 -5.22 -4.70 16.94
CA GLY B 281 -6.55 -4.57 16.35
C GLY B 281 -6.87 -3.10 16.43
N SER B 282 -5.81 -2.31 16.47
CA SER B 282 -5.85 -0.89 16.72
C SER B 282 -6.22 -0.12 15.47
N ASP B 283 -6.67 1.12 15.65
CA ASP B 283 -7.21 1.95 14.57
C ASP B 283 -6.12 2.83 13.95
N PHE B 284 -5.06 2.19 13.43
CA PHE B 284 -3.83 2.91 13.07
C PHE B 284 -3.55 3.15 11.58
N GLY B 285 -4.58 3.05 10.72
CA GLY B 285 -4.45 3.34 9.28
C GLY B 285 -3.15 3.00 8.54
N PRO B 286 -2.99 3.52 7.32
CA PRO B 286 -1.78 3.25 6.53
C PRO B 286 -0.59 4.17 6.84
N ILE B 287 -0.87 5.45 7.07
CA ILE B 287 0.15 6.49 7.25
C ILE B 287 1.07 6.18 8.44
N PHE B 288 0.53 5.42 9.39
CA PHE B 288 1.19 5.10 10.65
C PHE B 288 2.59 4.49 10.50
N MET B 289 2.70 3.48 9.63
CA MET B 289 3.93 2.71 9.53
C MET B 289 4.77 3.14 8.33
N THR B 290 4.17 3.92 7.45
CA THR B 290 4.76 4.23 6.16
C THR B 290 6.02 5.10 6.30
N ILE B 291 5.85 6.34 6.78
CA ILE B 291 6.99 7.28 6.86
C ILE B 291 8.17 6.70 7.66
N PRO B 292 7.89 6.06 8.82
CA PRO B 292 9.00 5.48 9.57
C PRO B 292 9.68 4.33 8.85
N ALA B 293 8.92 3.56 8.07
CA ALA B 293 9.47 2.44 7.31
C ALA B 293 10.48 2.90 6.25
N PHE B 294 10.12 3.93 5.50
CA PHE B 294 10.95 4.41 4.41
C PHE B 294 12.08 5.31 4.90
N PHE B 295 11.83 6.04 5.98
CA PHE B 295 12.90 6.78 6.67
C PHE B 295 13.90 5.78 7.25
N ALA B 296 13.38 4.70 7.80
CA ALA B 296 14.23 3.60 8.25
C ALA B 296 15.06 3.07 7.07
N LYS B 297 14.51 3.23 5.87
CA LYS B 297 15.17 2.72 4.66
C LYS B 297 16.28 3.63 4.13
N THR B 298 16.46 4.80 4.75
CA THR B 298 17.58 5.66 4.42
C THR B 298 18.87 5.17 5.10
N SER B 299 18.81 3.95 5.66
CA SER B 299 19.90 3.39 6.47
C SER B 299 21.00 2.73 5.64
N ALA B 300 21.05 3.03 4.35
CA ALA B 300 22.10 2.51 3.48
C ALA B 300 23.03 3.64 3.03
N VAL B 301 22.51 4.86 3.05
CA VAL B 301 23.21 6.00 2.46
C VAL B 301 23.94 6.92 3.45
N TYR B 302 23.35 7.21 4.62
CA TYR B 302 24.01 8.12 5.57
C TYR B 302 25.24 7.53 6.28
N ASN B 303 25.33 6.20 6.32
CA ASN B 303 26.45 5.52 6.97
C ASN B 303 27.81 5.85 6.38
N PRO B 304 27.99 5.67 5.07
CA PRO B 304 29.18 6.22 4.40
C PRO B 304 29.33 7.75 4.48
N VAL B 305 28.23 8.51 4.50
CA VAL B 305 28.28 9.99 4.53
C VAL B 305 28.88 10.52 5.84
N ILE B 306 28.79 9.73 6.90
CA ILE B 306 29.55 10.00 8.12
C ILE B 306 30.98 9.42 7.97
N TYR B 307 31.06 8.19 7.48
CA TYR B 307 32.34 7.46 7.35
C TYR B 307 33.34 8.14 6.44
N ILE B 308 32.83 8.74 5.36
CA ILE B 308 33.69 9.49 4.46
C ILE B 308 33.98 10.85 5.08
N MET B 309 32.93 11.56 5.48
CA MET B 309 33.05 12.95 5.92
C MET B 309 33.71 13.12 7.29
N MET B 310 33.19 12.42 8.28
CA MET B 310 33.66 12.57 9.66
C MET B 310 34.81 11.62 10.01
N ASN B 311 35.18 10.74 9.07
CA ASN B 311 36.42 10.00 9.18
C ASN B 311 37.38 10.50 8.11
N LYS B 312 38.07 11.58 8.43
CA LYS B 312 39.03 12.20 7.52
C LYS B 312 40.21 11.26 7.26
N GLN B 313 40.52 10.43 8.25
CA GLN B 313 41.55 9.36 8.19
C GLN B 313 41.58 8.59 6.84
N PHE B 314 40.40 8.45 6.25
CA PHE B 314 40.19 7.64 5.04
C PHE B 314 39.83 8.51 3.82
N ARG B 315 39.44 9.76 4.08
CA ARG B 315 38.93 10.68 3.07
C ARG B 315 39.95 11.11 2.00
N ASN B 316 41.19 10.63 2.14
CA ASN B 316 42.28 10.95 1.21
C ASN B 316 42.43 9.93 0.09
N CYS B 317 42.23 8.65 0.45
CA CYS B 317 42.32 7.55 -0.50
C CYS B 317 41.25 7.63 -1.59
N MET B 318 40.15 8.31 -1.26
CA MET B 318 39.01 8.54 -2.15
C MET B 318 39.28 9.63 -3.20
N VAL B 319 39.86 10.74 -2.76
CA VAL B 319 40.23 11.84 -3.65
C VAL B 319 41.32 11.44 -4.65
N THR B 320 42.03 10.34 -4.36
CA THR B 320 43.11 9.79 -5.23
C THR B 320 42.57 9.20 -6.57
N THR B 321 41.33 8.71 -6.53
CA THR B 321 40.66 8.20 -7.72
C THR B 321 40.13 9.34 -8.59
N LEU B 322 39.70 10.42 -7.93
CA LEU B 322 39.10 11.60 -8.57
C LEU B 322 40.04 12.39 -9.46
N CYS B 323 41.32 12.39 -9.09
CA CYS B 323 42.20 13.47 -9.49
C CYS B 323 42.69 13.69 -10.90
N CYS B 324 42.79 15.03 -11.05
CA CYS B 324 43.58 15.87 -11.98
C CYS B 324 43.97 17.29 -11.40
N GLY B 325 43.63 17.60 -10.14
CA GLY B 325 43.93 18.90 -9.50
C GLY B 325 44.64 18.82 -8.14
C ACE C 1 -5.86 -10.63 14.80
O ACE C 1 -6.29 -10.97 15.90
CH3 ACE C 1 -4.71 -9.67 14.67
N MET C 2 -6.61 -10.75 13.70
CA MET C 2 -8.01 -10.41 13.79
C MET C 2 -8.89 -11.61 14.12
N ASN C 3 -10.08 -11.31 14.60
CA ASN C 3 -10.99 -12.29 15.17
C ASN C 3 -12.04 -12.80 14.17
N GLY C 4 -12.67 -11.87 13.45
CA GLY C 4 -13.66 -12.20 12.42
C GLY C 4 -13.48 -11.37 11.16
N THR C 5 -14.58 -10.98 10.53
CA THR C 5 -14.54 -10.13 9.34
C THR C 5 -15.72 -9.18 9.21
N GLU C 6 -15.46 -7.93 8.87
CA GLU C 6 -16.50 -6.94 8.65
C GLU C 6 -16.78 -6.85 7.16
N GLY C 7 -17.90 -6.23 6.79
CA GLY C 7 -18.24 -5.93 5.40
C GLY C 7 -19.11 -4.69 5.32
N PRO C 8 -19.59 -4.34 4.10
CA PRO C 8 -20.51 -3.21 3.96
C PRO C 8 -21.86 -3.45 4.64
N ASN C 9 -22.30 -4.72 4.64
CA ASN C 9 -23.57 -5.13 5.24
C ASN C 9 -23.43 -6.31 6.16
N PHE C 10 -22.30 -7.00 6.11
CA PHE C 10 -22.15 -8.28 6.80
C PHE C 10 -21.02 -8.35 7.83
N TYR C 11 -21.35 -8.81 9.04
CA TYR C 11 -20.34 -9.24 9.98
C TYR C 11 -20.40 -10.75 10.09
N VAL C 12 -19.26 -11.39 9.89
CA VAL C 12 -19.14 -12.83 10.06
C VAL C 12 -18.01 -13.12 11.06
N PRO C 13 -18.34 -13.78 12.18
CA PRO C 13 -17.38 -14.11 13.25
C PRO C 13 -16.41 -15.26 12.91
N PHE C 14 -15.67 -15.09 11.82
CA PHE C 14 -14.59 -15.99 11.44
C PHE C 14 -13.62 -15.13 10.65
N SER C 15 -12.32 -15.29 10.93
CA SER C 15 -11.25 -14.58 10.21
C SER C 15 -11.16 -15.08 8.77
N ASN C 16 -10.80 -14.20 7.82
CA ASN C 16 -10.53 -14.65 6.46
C ASN C 16 -9.17 -15.33 6.38
N LYS C 17 -8.78 -15.92 7.52
CA LYS C 17 -7.50 -16.60 7.72
C LYS C 17 -7.24 -17.69 6.68
N THR C 18 -8.23 -18.54 6.42
CA THR C 18 -8.11 -19.59 5.41
C THR C 18 -8.41 -19.03 4.02
N GLY C 19 -9.29 -18.04 3.96
CA GLY C 19 -9.73 -17.47 2.70
C GLY C 19 -11.00 -18.11 2.16
N VAL C 20 -11.60 -19.00 2.95
CA VAL C 20 -12.84 -19.67 2.56
C VAL C 20 -14.07 -18.93 3.11
N VAL C 21 -13.81 -17.93 3.94
CA VAL C 21 -14.86 -17.06 4.45
C VAL C 21 -15.25 -16.10 3.37
N ARG C 22 -16.57 -16.03 3.11
CA ARG C 22 -17.12 -15.18 2.06
C ARG C 22 -18.34 -14.39 2.55
N SER C 23 -19.21 -14.01 1.62
CA SER C 23 -20.41 -13.23 1.93
C SER C 23 -21.65 -14.13 2.13
N PRO C 24 -22.48 -13.83 3.13
CA PRO C 24 -23.63 -14.67 3.43
C PRO C 24 -24.80 -14.43 2.51
N PHE C 25 -24.70 -13.45 1.61
CA PHE C 25 -25.79 -13.11 0.67
C PHE C 25 -25.75 -13.90 -0.63
N GLU C 26 -24.64 -14.58 -0.90
CA GLU C 26 -24.49 -15.36 -2.13
C GLU C 26 -24.10 -16.80 -1.86
N ALA C 27 -23.22 -16.99 -0.88
CA ALA C 27 -22.59 -18.28 -0.68
C ALA C 27 -23.15 -19.05 0.51
N PRO C 28 -23.28 -20.39 0.37
CA PRO C 28 -23.65 -21.23 1.50
C PRO C 28 -22.48 -21.28 2.48
N GLN C 29 -22.69 -20.82 3.70
CA GLN C 29 -21.60 -20.65 4.66
C GLN C 29 -21.17 -21.96 5.35
N TYR C 30 -20.97 -23.00 4.53
CA TYR C 30 -20.60 -24.32 5.01
C TYR C 30 -19.21 -24.30 5.64
N TYR C 31 -18.44 -23.27 5.30
CA TYR C 31 -17.10 -23.08 5.86
C TYR C 31 -17.12 -22.81 7.36
N LEU C 32 -18.30 -22.48 7.88
CA LEU C 32 -18.46 -22.13 9.30
C LEU C 32 -18.34 -23.32 10.25
N ALA C 33 -19.20 -24.32 10.05
CA ALA C 33 -19.21 -25.50 10.92
C ALA C 33 -19.73 -26.74 10.20
N GLU C 34 -20.42 -27.60 10.95
CA GLU C 34 -20.88 -28.89 10.44
C GLU C 34 -22.28 -28.79 9.85
N PRO C 35 -22.48 -29.35 8.63
CA PRO C 35 -23.76 -29.29 7.90
C PRO C 35 -24.93 -30.03 8.58
N TRP C 36 -24.65 -31.08 9.33
CA TRP C 36 -25.71 -31.82 10.04
C TRP C 36 -26.34 -30.94 11.12
N GLN C 37 -25.55 -30.01 11.66
CA GLN C 37 -26.06 -28.98 12.58
C GLN C 37 -26.82 -27.87 11.85
N PHE C 38 -26.41 -27.59 10.61
CA PHE C 38 -27.12 -26.64 9.73
C PHE C 38 -28.57 -27.07 9.52
N SER C 39 -28.75 -28.25 8.94
CA SER C 39 -30.08 -28.82 8.74
C SER C 39 -30.78 -29.16 10.06
N MET C 40 -30.00 -29.34 11.13
CA MET C 40 -30.55 -29.57 12.47
C MET C 40 -31.25 -28.32 12.97
N LEU C 41 -30.76 -27.15 12.55
CA LEU C 41 -31.41 -25.89 12.87
C LEU C 41 -32.76 -25.76 12.16
N ALA C 42 -32.80 -26.15 10.89
CA ALA C 42 -34.05 -26.13 10.12
C ALA C 42 -35.01 -27.25 10.54
N ALA C 43 -34.44 -28.40 10.93
CA ALA C 43 -35.21 -29.54 11.42
C ALA C 43 -35.91 -29.17 12.72
N TYR C 44 -35.21 -28.37 13.53
CA TYR C 44 -35.79 -27.74 14.72
C TYR C 44 -36.67 -26.55 14.33
N MET C 45 -36.43 -26.00 13.14
CA MET C 45 -37.22 -24.87 12.64
C MET C 45 -38.60 -25.25 12.13
N PHE C 46 -38.71 -26.35 11.37
CA PHE C 46 -40.03 -26.75 10.91
C PHE C 46 -40.95 -27.09 12.08
N LEU C 47 -40.42 -27.85 13.03
CA LEU C 47 -41.14 -28.19 14.25
C LEU C 47 -41.61 -26.92 14.99
N LEU C 48 -40.99 -25.78 14.69
CA LEU C 48 -41.43 -24.48 15.23
C LEU C 48 -42.62 -23.92 14.46
N ILE C 49 -42.39 -23.54 13.20
CA ILE C 49 -43.42 -22.92 12.35
C ILE C 49 -44.68 -23.75 12.36
N MET C 50 -44.52 -25.03 12.01
CA MET C 50 -45.59 -26.04 12.06
C MET C 50 -46.57 -25.88 13.24
N LEU C 51 -46.04 -25.84 14.46
CA LEU C 51 -46.85 -25.84 15.67
C LEU C 51 -47.36 -24.45 16.06
N GLY C 52 -46.70 -23.40 15.60
CA GLY C 52 -47.13 -22.02 15.87
C GLY C 52 -48.37 -21.61 15.08
N PHE C 53 -48.85 -22.52 14.25
CA PHE C 53 -50.03 -22.25 13.44
C PHE C 53 -51.29 -22.67 14.19
N PRO C 54 -51.45 -23.97 14.52
CA PRO C 54 -52.75 -24.41 15.03
C PRO C 54 -52.98 -23.94 16.44
N ILE C 55 -51.91 -23.50 17.09
CA ILE C 55 -51.98 -23.04 18.47
C ILE C 55 -52.14 -21.52 18.48
N ASN C 56 -51.82 -20.89 17.36
CA ASN C 56 -52.10 -19.48 17.18
C ASN C 56 -53.39 -19.24 16.44
N PHE C 57 -53.58 -19.99 15.36
CA PHE C 57 -54.72 -19.81 14.47
C PHE C 57 -56.06 -20.09 15.15
N LEU C 58 -56.16 -21.20 15.88
CA LEU C 58 -57.41 -21.57 16.54
C LEU C 58 -57.75 -20.59 17.67
N THR C 59 -56.78 -19.77 18.06
CA THR C 59 -56.92 -18.75 19.11
C THR C 59 -57.57 -17.46 18.60
N LEU C 60 -57.26 -17.08 17.37
CA LEU C 60 -57.93 -15.94 16.73
C LEU C 60 -59.38 -16.30 16.44
N TYR C 61 -59.61 -17.56 16.09
CA TYR C 61 -60.93 -18.05 15.69
C TYR C 61 -61.78 -18.40 16.90
N VAL C 62 -61.16 -18.78 18.01
CA VAL C 62 -61.91 -19.09 19.23
C VAL C 62 -62.49 -17.82 19.85
N THR C 63 -61.92 -16.66 19.50
CA THR C 63 -62.41 -15.36 19.99
C THR C 63 -63.48 -14.76 19.08
N VAL C 64 -63.32 -14.96 17.77
CA VAL C 64 -64.33 -14.50 16.79
C VAL C 64 -65.60 -15.38 16.83
N GLN C 65 -65.40 -16.69 17.01
CA GLN C 65 -66.48 -17.67 17.18
C GLN C 65 -67.29 -17.35 18.44
N HIS C 66 -66.57 -17.07 19.53
CA HIS C 66 -67.20 -16.72 20.82
C HIS C 66 -67.42 -15.23 20.98
N LYS C 67 -68.66 -14.81 20.71
CA LYS C 67 -69.09 -13.44 20.98
C LYS C 67 -69.27 -13.21 22.48
N LYS C 68 -68.72 -14.13 23.28
CA LYS C 68 -68.77 -14.04 24.74
C LYS C 68 -67.40 -13.79 25.37
N LEU C 69 -66.37 -13.59 24.54
CA LEU C 69 -65.00 -13.38 25.03
C LEU C 69 -64.40 -12.02 24.67
N ARG C 70 -65.15 -10.96 24.92
CA ARG C 70 -64.67 -9.59 24.71
C ARG C 70 -64.21 -8.91 26.01
N THR C 71 -63.42 -9.65 26.80
CA THR C 71 -62.86 -9.13 28.06
C THR C 71 -61.47 -8.52 27.87
N PRO C 72 -61.09 -7.51 28.71
CA PRO C 72 -59.74 -6.89 28.67
C PRO C 72 -58.56 -7.84 28.98
N LEU C 73 -58.87 -9.08 29.38
CA LEU C 73 -57.88 -10.15 29.44
C LEU C 73 -57.67 -10.76 28.06
N ASN C 74 -58.77 -11.02 27.36
CA ASN C 74 -58.74 -11.60 26.01
C ASN C 74 -58.28 -10.61 24.93
N TYR C 75 -58.57 -9.32 25.12
CA TYR C 75 -58.12 -8.26 24.20
C TYR C 75 -56.60 -8.23 24.07
N ILE C 76 -55.92 -8.29 25.22
CA ILE C 76 -54.46 -8.34 25.27
C ILE C 76 -53.93 -9.71 24.83
N LEU C 77 -54.67 -10.76 25.15
CA LEU C 77 -54.23 -12.12 24.84
C LEU C 77 -54.73 -12.71 23.52
N LEU C 78 -55.46 -11.91 22.75
CA LEU C 78 -55.68 -12.17 21.32
C LEU C 78 -54.55 -11.51 20.52
N ASN C 79 -54.11 -10.34 20.98
CA ASN C 79 -53.04 -9.58 20.33
C ASN C 79 -51.76 -10.38 20.02
N LEU C 80 -51.57 -11.47 20.76
CA LEU C 80 -50.48 -12.43 20.51
C LEU C 80 -50.81 -13.39 19.36
N ALA C 81 -51.98 -14.02 19.43
CA ALA C 81 -52.46 -14.91 18.37
C ALA C 81 -52.33 -14.30 16.97
N VAL C 82 -52.59 -13.00 16.87
CA VAL C 82 -52.45 -12.24 15.62
C VAL C 82 -50.98 -11.96 15.33
N ALA C 83 -50.31 -11.27 16.26
CA ALA C 83 -48.92 -10.83 16.07
C ALA C 83 -47.95 -11.98 15.75
N ASP C 84 -48.15 -13.14 16.41
CA ASP C 84 -47.33 -14.33 16.16
C ASP C 84 -47.51 -14.88 14.74
N LEU C 85 -48.75 -14.85 14.26
CA LEU C 85 -49.08 -15.36 12.93
C LEU C 85 -48.46 -14.51 11.83
N PHE C 86 -48.25 -13.22 12.13
CA PHE C 86 -47.46 -12.36 11.26
C PHE C 86 -46.04 -12.89 11.15
N MET C 87 -45.50 -13.40 12.27
CA MET C 87 -44.15 -13.97 12.32
C MET C 87 -44.02 -15.27 11.54
N VAL C 88 -44.95 -16.20 11.78
CA VAL C 88 -44.96 -17.49 11.09
C VAL C 88 -45.13 -17.29 9.59
N PHE C 89 -45.98 -16.33 9.22
CA PHE C 89 -46.20 -15.94 7.82
C PHE C 89 -45.34 -14.75 7.38
N GLY C 90 -44.13 -14.67 7.92
CA GLY C 90 -43.20 -13.59 7.59
C GLY C 90 -41.80 -13.89 8.08
N GLY C 91 -41.61 -13.82 9.39
CA GLY C 91 -40.31 -14.07 10.01
C GLY C 91 -39.77 -15.47 9.81
N PHE C 92 -40.63 -16.47 10.03
CA PHE C 92 -40.25 -17.88 9.88
C PHE C 92 -40.10 -18.33 8.42
N THR C 93 -40.86 -17.71 7.53
CA THR C 93 -40.78 -17.98 6.10
C THR C 93 -39.35 -17.72 5.62
N THR C 94 -38.77 -16.59 6.05
CA THR C 94 -37.44 -16.17 5.62
C THR C 94 -36.34 -17.10 6.13
N THR C 95 -36.39 -17.38 7.44
CA THR C 95 -35.34 -18.14 8.09
C THR C 95 -35.18 -19.55 7.54
N LEU C 96 -36.30 -20.16 7.18
CA LEU C 96 -36.31 -21.52 6.65
C LEU C 96 -35.40 -21.63 5.43
N TYR C 97 -35.78 -20.94 4.36
CA TYR C 97 -35.03 -20.91 3.10
C TYR C 97 -33.54 -20.72 3.38
N THR C 98 -33.25 -19.93 4.41
CA THR C 98 -31.91 -19.59 4.83
C THR C 98 -31.21 -20.80 5.45
N SER C 99 -31.89 -21.46 6.37
CA SER C 99 -31.29 -22.54 7.15
C SER C 99 -30.99 -23.78 6.33
N LEU C 100 -31.87 -24.06 5.37
CA LEU C 100 -31.80 -25.31 4.59
C LEU C 100 -30.69 -25.31 3.54
N HIS C 101 -30.31 -24.12 3.10
CA HIS C 101 -29.22 -23.94 2.13
C HIS C 101 -27.91 -23.52 2.79
N GLY C 102 -28.03 -22.69 3.82
CA GLY C 102 -26.88 -22.19 4.57
C GLY C 102 -26.54 -20.75 4.28
N TYR C 103 -27.55 -19.95 3.90
CA TYR C 103 -27.36 -18.51 3.66
C TYR C 103 -28.63 -17.78 3.22
N PHE C 104 -28.64 -16.47 3.43
CA PHE C 104 -29.76 -15.59 3.06
C PHE C 104 -29.83 -15.31 1.58
N VAL C 105 -30.75 -15.98 0.89
CA VAL C 105 -30.85 -15.92 -0.57
C VAL C 105 -31.49 -14.62 -1.07
N PHE C 106 -32.55 -14.18 -0.38
CA PHE C 106 -33.17 -12.90 -0.69
C PHE C 106 -32.20 -11.81 -0.28
N GLY C 107 -31.44 -12.11 0.77
CA GLY C 107 -30.27 -11.32 1.14
C GLY C 107 -30.56 -9.96 1.70
N PRO C 108 -29.99 -8.90 1.10
CA PRO C 108 -30.06 -7.51 1.58
C PRO C 108 -31.49 -7.03 1.82
N THR C 109 -32.42 -7.42 0.95
CA THR C 109 -33.83 -7.11 1.12
C THR C 109 -34.49 -8.09 2.09
N GLY C 110 -34.04 -9.34 2.05
CA GLY C 110 -34.65 -10.44 2.81
C GLY C 110 -34.33 -10.53 4.30
N CYS C 111 -33.08 -10.28 4.66
CA CYS C 111 -32.69 -10.22 6.07
C CYS C 111 -33.65 -9.29 6.74
N ASN C 112 -33.89 -8.14 6.10
CA ASN C 112 -34.79 -7.10 6.60
C ASN C 112 -36.22 -7.58 6.84
N LEU C 113 -36.44 -8.88 6.75
CA LEU C 113 -37.73 -9.46 7.11
C LEU C 113 -37.67 -10.26 8.40
N GLU C 114 -36.90 -11.36 8.39
CA GLU C 114 -36.77 -12.21 9.58
C GLU C 114 -36.26 -11.39 10.77
N GLY C 115 -35.31 -10.49 10.51
CA GLY C 115 -34.78 -9.60 11.53
C GLY C 115 -35.80 -8.60 12.04
N PHE C 116 -36.76 -8.25 11.18
CA PHE C 116 -37.79 -7.26 11.53
C PHE C 116 -38.93 -7.85 12.32
N PHE C 117 -39.48 -8.97 11.86
CA PHE C 117 -40.61 -9.62 12.52
C PHE C 117 -40.24 -10.14 13.92
N ALA C 118 -39.06 -10.73 14.05
CA ALA C 118 -38.52 -11.16 15.35
C ALA C 118 -38.41 -9.97 16.31
N THR C 119 -38.26 -8.77 15.76
CA THR C 119 -38.24 -7.53 16.54
C THR C 119 -39.65 -6.94 16.68
N LEU C 120 -40.59 -7.42 15.87
CA LEU C 120 -41.99 -7.03 16.02
C LEU C 120 -42.76 -8.27 16.47
N GLY C 121 -42.20 -8.97 17.44
CA GLY C 121 -42.82 -10.15 18.03
C GLY C 121 -42.61 -10.22 19.53
N GLY C 122 -41.35 -10.36 19.94
CA GLY C 122 -40.97 -10.31 21.34
C GLY C 122 -40.69 -8.88 21.78
N GLU C 123 -41.38 -7.94 21.14
CA GLU C 123 -41.29 -6.52 21.47
C GLU C 123 -42.69 -5.93 21.59
N ILE C 124 -43.61 -6.41 20.75
CA ILE C 124 -45.02 -6.05 20.85
C ILE C 124 -45.70 -6.77 22.02
N ALA C 125 -45.12 -7.91 22.44
CA ALA C 125 -45.57 -8.69 23.60
C ALA C 125 -44.98 -8.14 24.90
N LEU C 126 -43.87 -7.41 24.75
CA LEU C 126 -43.27 -6.66 25.86
C LEU C 126 -44.08 -5.42 26.22
N TRP C 127 -44.72 -4.80 25.22
CA TRP C 127 -45.64 -3.68 25.44
C TRP C 127 -47.06 -4.12 25.80
N SER C 128 -47.33 -5.41 25.59
CA SER C 128 -48.54 -6.07 26.07
C SER C 128 -48.37 -6.56 27.53
N LEU C 129 -47.20 -7.14 27.83
CA LEU C 129 -46.90 -7.64 29.18
C LEU C 129 -46.56 -6.57 30.21
N VAL C 130 -46.63 -5.30 29.81
CA VAL C 130 -46.63 -4.18 30.77
C VAL C 130 -48.08 -3.82 31.11
N VAL C 131 -48.95 -3.86 30.09
CA VAL C 131 -50.40 -3.70 30.28
C VAL C 131 -50.99 -4.88 31.06
N LEU C 132 -50.41 -6.07 30.89
CA LEU C 132 -50.85 -7.27 31.61
C LEU C 132 -50.41 -7.28 33.08
N ALA C 133 -49.47 -6.39 33.43
CA ALA C 133 -49.10 -6.16 34.83
C ALA C 133 -49.79 -4.92 35.37
N ILE C 134 -50.43 -4.17 34.48
CA ILE C 134 -51.20 -2.96 34.84
C ILE C 134 -52.72 -3.24 34.96
N GLU C 135 -53.21 -4.21 34.20
CA GLU C 135 -54.61 -4.65 34.24
C GLU C 135 -54.87 -5.43 35.54
N ARG C 136 -53.81 -6.08 36.03
CA ARG C 136 -53.81 -6.82 37.28
C ARG C 136 -53.58 -5.89 38.48
N TYR C 137 -53.07 -4.71 38.18
CA TYR C 137 -52.60 -3.74 39.17
C TYR C 137 -53.70 -2.80 39.72
N VAL C 138 -54.59 -2.30 38.87
CA VAL C 138 -55.60 -1.28 39.29
C VAL C 138 -56.96 -1.84 39.75
N VAL C 139 -57.37 -2.98 39.17
CA VAL C 139 -58.70 -3.59 39.41
C VAL C 139 -58.74 -4.72 40.49
N VAL C 140 -57.59 -5.31 40.83
CA VAL C 140 -57.52 -6.34 41.89
C VAL C 140 -56.68 -5.88 43.10
N CYS C 141 -55.94 -4.78 42.94
CA CYS C 141 -55.14 -4.20 44.02
C CYS C 141 -55.69 -2.85 44.48
N LYS C 142 -55.71 -1.88 43.55
CA LYS C 142 -56.22 -0.51 43.77
C LYS C 142 -55.27 0.37 44.61
N PRO C 143 -54.67 1.43 43.99
CA PRO C 143 -54.23 2.63 44.71
C PRO C 143 -55.26 3.77 44.58
N MET C 144 -55.89 3.85 43.40
CA MET C 144 -57.03 4.71 43.11
C MET C 144 -58.21 3.84 42.65
N SER C 145 -59.37 4.02 43.32
CA SER C 145 -60.57 3.14 43.23
C SER C 145 -61.22 2.99 41.85
N ASN C 146 -61.83 4.09 41.39
CA ASN C 146 -62.78 4.11 40.26
C ASN C 146 -62.26 3.88 38.83
N PHE C 147 -61.59 2.74 38.63
CA PHE C 147 -61.20 2.31 37.28
C PHE C 147 -61.74 0.93 36.87
N ARG C 148 -62.86 0.98 36.14
CA ARG C 148 -63.34 -0.12 35.29
C ARG C 148 -62.68 0.03 33.91
N PHE C 149 -62.33 -1.11 33.29
CA PHE C 149 -61.73 -1.13 31.94
C PHE C 149 -62.81 -1.29 30.83
N GLY C 150 -62.81 -2.42 30.12
CA GLY C 150 -63.95 -2.74 29.24
C GLY C 150 -63.66 -2.99 27.77
N GLU C 151 -64.11 -2.06 26.93
CA GLU C 151 -63.89 -2.12 25.47
C GLU C 151 -63.08 -0.92 24.93
N ASN C 152 -63.61 0.30 25.10
CA ASN C 152 -62.92 1.53 24.68
C ASN C 152 -61.68 1.84 25.55
N HIS C 153 -61.50 1.04 26.60
CA HIS C 153 -60.30 1.04 27.44
C HIS C 153 -59.37 -0.13 27.10
N ALA C 154 -59.95 -1.26 26.63
CA ALA C 154 -59.18 -2.46 26.27
C ALA C 154 -58.55 -2.39 24.88
N ILE C 155 -59.01 -1.45 24.05
CA ILE C 155 -58.37 -1.11 22.76
C ILE C 155 -57.18 -0.15 22.97
N MET C 156 -57.23 0.64 24.05
CA MET C 156 -56.20 1.63 24.37
C MET C 156 -54.89 0.99 24.85
N GLY C 157 -54.97 -0.26 25.35
CA GLY C 157 -53.80 -1.05 25.75
C GLY C 157 -53.25 -1.95 24.65
N VAL C 158 -54.10 -2.27 23.67
CA VAL C 158 -53.74 -3.08 22.50
C VAL C 158 -53.14 -2.21 21.38
N ALA C 159 -53.84 -1.14 21.02
CA ALA C 159 -53.38 -0.21 19.99
C ALA C 159 -52.11 0.55 20.40
N PHE C 160 -51.78 0.47 21.70
CA PHE C 160 -50.56 1.06 22.28
C PHE C 160 -49.32 0.18 22.05
N THR C 161 -49.52 -1.14 21.97
CA THR C 161 -48.43 -2.10 21.79
C THR C 161 -47.78 -1.97 20.41
N TRP C 162 -48.59 -1.62 19.42
CA TRP C 162 -48.12 -1.29 18.07
C TRP C 162 -47.37 0.03 18.03
N VAL C 163 -47.92 1.06 18.70
CA VAL C 163 -47.32 2.41 18.75
C VAL C 163 -45.93 2.43 19.44
N MET C 164 -45.69 1.45 20.30
CA MET C 164 -44.41 1.32 21.00
C MET C 164 -43.43 0.31 20.37
N ALA C 165 -43.97 -0.69 19.69
CA ALA C 165 -43.17 -1.65 18.93
C ALA C 165 -42.66 -1.09 17.59
N LEU C 166 -43.49 -0.28 16.94
CA LEU C 166 -43.12 0.44 15.70
C LEU C 166 -42.12 1.56 15.98
N ALA C 167 -42.09 2.04 17.21
CA ALA C 167 -41.13 3.06 17.65
C ALA C 167 -39.72 2.49 17.75
N CYS C 168 -39.63 1.15 17.73
CA CYS C 168 -38.34 0.48 17.85
C CYS C 168 -38.11 -0.75 16.97
N ALA C 169 -39.03 -1.02 16.04
CA ALA C 169 -38.84 -2.13 15.10
C ALA C 169 -38.61 -1.70 13.65
N ALA C 170 -39.24 -0.59 13.26
CA ALA C 170 -39.07 -0.04 11.90
C ALA C 170 -37.82 0.85 11.74
N PRO C 171 -37.50 1.72 12.72
CA PRO C 171 -36.29 2.56 12.65
C PRO C 171 -34.96 1.83 12.34
N PRO C 172 -34.75 0.60 12.85
CA PRO C 172 -33.54 -0.07 12.37
C PRO C 172 -33.60 -0.42 10.89
N LEU C 173 -34.74 -0.91 10.42
CA LEU C 173 -34.89 -1.28 9.01
C LEU C 173 -34.37 -0.16 8.11
N VAL C 174 -34.90 1.05 8.31
CA VAL C 174 -34.44 2.23 7.56
C VAL C 174 -34.33 3.46 8.47
N GLY C 175 -33.23 4.20 8.34
CA GLY C 175 -33.11 5.52 8.96
C GLY C 175 -32.13 5.69 10.11
N TRP C 176 -32.23 4.82 11.12
CA TRP C 176 -31.45 4.97 12.36
C TRP C 176 -30.52 3.78 12.66
N SER C 177 -30.79 2.64 12.05
CA SER C 177 -29.88 1.51 12.16
C SER C 177 -29.97 0.63 10.92
N ARG C 178 -29.88 -0.68 11.12
CA ARG C 178 -29.87 -1.67 10.05
C ARG C 178 -30.30 -3.05 10.55
N TYR C 179 -30.77 -3.89 9.63
CA TYR C 179 -31.05 -5.28 9.98
C TYR C 179 -30.01 -6.19 9.31
N ILE C 180 -29.38 -7.02 10.13
CA ILE C 180 -28.10 -7.64 9.81
C ILE C 180 -28.06 -9.08 10.31
N PRO C 181 -27.36 -9.98 9.59
CA PRO C 181 -27.25 -11.38 9.97
C PRO C 181 -26.33 -11.62 11.17
N GLU C 182 -26.54 -12.75 11.84
CA GLU C 182 -25.91 -13.04 13.13
C GLU C 182 -25.48 -14.50 13.24
N GLY C 183 -24.69 -14.78 14.28
CA GLY C 183 -24.38 -16.15 14.69
C GLY C 183 -23.95 -17.07 13.58
N MET C 184 -24.66 -18.18 13.39
CA MET C 184 -24.33 -19.15 12.35
C MET C 184 -24.82 -18.66 10.98
N GLN C 185 -25.17 -17.38 10.95
CA GLN C 185 -25.56 -16.66 9.75
C GLN C 185 -26.71 -17.30 8.98
N CYS C 186 -27.64 -17.88 9.74
CA CYS C 186 -28.91 -18.30 9.19
C CYS C 186 -30.01 -17.46 9.85
N SER C 187 -29.62 -16.68 10.84
CA SER C 187 -30.52 -15.77 11.54
C SER C 187 -30.13 -14.31 11.27
N CYS C 188 -31.03 -13.39 11.53
CA CYS C 188 -30.74 -11.96 11.38
C CYS C 188 -31.13 -11.19 12.62
N GLY C 189 -31.09 -9.85 12.53
CA GLY C 189 -31.49 -8.97 13.64
C GLY C 189 -30.80 -7.63 13.64
N ILE C 190 -30.56 -7.08 14.84
CA ILE C 190 -29.93 -5.77 15.01
C ILE C 190 -28.41 -5.91 15.21
N ASP C 191 -27.67 -4.88 14.82
CA ASP C 191 -26.20 -4.83 14.95
C ASP C 191 -25.76 -4.73 16.40
N TYR C 192 -24.71 -5.48 16.76
CA TYR C 192 -24.08 -5.36 18.08
C TYR C 192 -22.58 -5.15 17.94
N TYR C 193 -22.09 -5.34 16.73
CA TYR C 193 -20.66 -5.51 16.48
C TYR C 193 -20.01 -4.25 15.94
N THR C 194 -20.68 -3.58 15.01
CA THR C 194 -20.08 -2.53 14.16
C THR C 194 -20.45 -1.12 14.54
N PRO C 195 -19.50 -0.17 14.39
CA PRO C 195 -19.86 1.23 14.51
C PRO C 195 -20.73 1.64 13.33
N HIS C 196 -20.36 1.19 12.13
CA HIS C 196 -20.99 1.61 10.87
C HIS C 196 -21.61 2.98 11.03
N GLU C 197 -20.74 3.99 11.18
CA GLU C 197 -21.18 5.32 11.57
C GLU C 197 -21.89 6.08 10.44
N GLU C 198 -22.34 5.33 9.43
CA GLU C 198 -23.15 5.88 8.36
C GLU C 198 -24.60 6.06 8.83
N THR C 199 -25.19 4.97 9.34
CA THR C 199 -26.58 4.97 9.78
C THR C 199 -26.74 5.31 11.28
N ASN C 200 -25.63 5.63 11.94
CA ASN C 200 -25.62 6.06 13.35
C ASN C 200 -26.24 5.04 14.31
N ASN C 201 -25.53 3.94 14.54
CA ASN C 201 -25.98 2.86 15.43
C ASN C 201 -25.90 3.21 16.92
N GLU C 202 -24.78 3.81 17.32
CA GLU C 202 -24.47 4.15 18.72
C GLU C 202 -25.68 4.58 19.57
N SER C 203 -26.40 5.60 19.09
CA SER C 203 -27.59 6.13 19.77
C SER C 203 -28.77 5.16 19.75
N PHE C 204 -28.99 4.51 18.60
CA PHE C 204 -30.09 3.58 18.45
C PHE C 204 -29.96 2.37 19.38
N VAL C 205 -28.74 1.87 19.55
CA VAL C 205 -28.45 0.73 20.43
C VAL C 205 -28.99 0.96 21.84
N ILE C 206 -28.59 2.07 22.44
CA ILE C 206 -29.02 2.47 23.78
C ILE C 206 -30.53 2.75 23.82
N TYR C 207 -31.01 3.60 22.91
CA TYR C 207 -32.45 3.85 22.75
C TYR C 207 -33.22 2.55 22.64
N MET C 208 -32.60 1.54 22.03
CA MET C 208 -33.20 0.22 21.94
C MET C 208 -33.14 -0.51 23.30
N PHE C 209 -31.92 -0.80 23.75
CA PHE C 209 -31.72 -1.65 24.94
C PHE C 209 -32.47 -1.13 26.18
N VAL C 210 -32.30 0.14 26.50
CA VAL C 210 -32.84 0.71 27.73
C VAL C 210 -34.34 0.92 27.64
N VAL C 211 -34.79 1.68 26.64
CA VAL C 211 -36.21 2.05 26.50
C VAL C 211 -37.10 0.85 26.19
N HIS C 212 -36.50 -0.26 25.74
CA HIS C 212 -37.29 -1.38 25.26
C HIS C 212 -36.89 -2.75 25.80
N PHE C 213 -36.00 -2.77 26.81
CA PHE C 213 -35.70 -3.99 27.58
C PHE C 213 -35.69 -3.66 29.07
N ILE C 214 -34.77 -2.80 29.49
CA ILE C 214 -34.55 -2.51 30.91
C ILE C 214 -35.71 -1.73 31.56
N ILE C 215 -36.17 -0.68 30.88
CA ILE C 215 -37.27 0.17 31.38
C ILE C 215 -38.62 -0.54 31.42
N PRO C 216 -39.02 -1.22 30.33
CA PRO C 216 -40.23 -2.01 30.44
C PRO C 216 -40.17 -3.06 31.56
N LEU C 217 -38.98 -3.61 31.84
CA LEU C 217 -38.80 -4.57 32.92
C LEU C 217 -38.93 -3.95 34.32
N ILE C 218 -38.27 -2.81 34.52
CA ILE C 218 -38.33 -2.09 35.80
C ILE C 218 -39.75 -1.61 36.13
N VAL C 219 -40.48 -1.14 35.11
CA VAL C 219 -41.90 -0.75 35.25
C VAL C 219 -42.84 -1.97 35.08
N ILE C 220 -42.26 -3.16 35.21
CA ILE C 220 -43.01 -4.39 35.50
C ILE C 220 -42.71 -4.82 36.94
N PHE C 221 -41.46 -4.65 37.36
CA PHE C 221 -41.04 -5.00 38.72
C PHE C 221 -41.58 -4.04 39.78
N PHE C 222 -41.73 -2.77 39.40
CA PHE C 222 -42.41 -1.77 40.23
C PHE C 222 -43.88 -2.13 40.45
N CYS C 223 -44.55 -2.62 39.40
CA CYS C 223 -45.95 -3.09 39.48
C CYS C 223 -46.07 -4.49 40.08
N TYR C 224 -44.94 -5.19 40.19
CA TYR C 224 -44.91 -6.55 40.74
C TYR C 224 -44.61 -6.60 42.25
N GLY C 225 -43.54 -5.92 42.67
CA GLY C 225 -43.14 -5.88 44.08
C GLY C 225 -44.18 -5.25 45.01
N GLN C 226 -44.95 -4.33 44.44
CA GLN C 226 -46.06 -3.64 45.12
C GLN C 226 -47.37 -4.44 45.04
N LEU C 227 -47.29 -5.72 44.66
CA LEU C 227 -48.47 -6.60 44.61
C LEU C 227 -48.46 -7.84 45.52
N VAL C 228 -47.28 -8.26 45.97
CA VAL C 228 -47.16 -9.25 47.05
C VAL C 228 -47.58 -8.59 48.40
N PHE C 229 -47.21 -7.31 48.50
CA PHE C 229 -47.55 -6.41 49.61
C PHE C 229 -49.06 -6.07 49.66
N THR C 230 -49.69 -5.93 48.49
CA THR C 230 -51.14 -5.64 48.35
C THR C 230 -52.03 -6.90 48.44
N VAL C 231 -51.40 -8.07 48.61
CA VAL C 231 -52.12 -9.33 48.86
C VAL C 231 -52.31 -9.57 50.36
N LYS C 232 -51.30 -9.20 51.15
CA LYS C 232 -51.30 -9.49 52.59
C LYS C 232 -52.03 -8.46 53.46
N GLU C 233 -51.47 -7.26 53.55
CA GLU C 233 -51.91 -6.26 54.51
C GLU C 233 -52.90 -5.23 53.95
N ALA C 234 -52.87 -5.00 52.63
CA ALA C 234 -53.77 -4.04 51.98
C ALA C 234 -55.14 -4.61 51.63
N ALA C 235 -55.19 -5.88 51.19
CA ALA C 235 -56.44 -6.52 50.69
C ALA C 235 -57.35 -7.23 51.73
N ALA C 236 -56.91 -7.26 52.98
CA ALA C 236 -57.74 -7.72 54.11
C ALA C 236 -58.60 -6.59 54.72
N GLN C 237 -58.37 -5.36 54.25
CA GLN C 237 -59.14 -4.16 54.62
C GLN C 237 -60.09 -3.66 53.50
N GLN C 238 -59.76 -4.01 52.25
CA GLN C 238 -60.61 -3.74 51.07
C GLN C 238 -61.89 -4.58 51.12
N GLN C 239 -61.78 -5.76 51.74
CA GLN C 239 -62.90 -6.70 51.99
C GLN C 239 -63.68 -7.16 50.74
N GLU C 240 -62.93 -7.72 49.80
CA GLU C 240 -63.51 -8.43 48.66
C GLU C 240 -63.71 -9.91 49.01
N SER C 241 -64.63 -10.58 48.31
CA SER C 241 -65.07 -11.95 48.64
C SER C 241 -64.11 -13.09 48.23
N ALA C 242 -64.24 -14.25 48.89
CA ALA C 242 -63.41 -15.42 48.63
C ALA C 242 -63.85 -16.22 47.41
N THR C 243 -65.08 -15.98 46.95
CA THR C 243 -65.62 -16.55 45.71
C THR C 243 -65.12 -15.79 44.48
N THR C 244 -64.87 -14.49 44.64
CA THR C 244 -64.36 -13.63 43.56
C THR C 244 -62.88 -13.94 43.28
N GLN C 245 -62.10 -14.16 44.35
CA GLN C 245 -60.67 -14.48 44.24
C GLN C 245 -60.38 -15.99 44.37
N LYS C 246 -60.98 -16.76 43.46
CA LYS C 246 -60.69 -18.19 43.28
C LYS C 246 -60.01 -18.37 41.91
N ALA C 247 -60.62 -17.77 40.87
CA ALA C 247 -60.05 -17.70 39.52
C ALA C 247 -59.16 -16.46 39.36
N GLU C 248 -59.47 -15.39 40.09
CA GLU C 248 -58.63 -14.19 40.19
C GLU C 248 -57.32 -14.46 40.94
N LYS C 249 -57.26 -15.62 41.60
CA LYS C 249 -56.07 -16.07 42.32
C LYS C 249 -55.32 -17.14 41.51
N GLU C 250 -55.82 -17.43 40.31
CA GLU C 250 -55.23 -18.42 39.40
C GLU C 250 -54.77 -17.77 38.10
N VAL C 251 -55.55 -16.80 37.60
CA VAL C 251 -55.26 -16.08 36.38
C VAL C 251 -54.06 -15.15 36.57
N THR C 252 -53.99 -14.52 37.74
CA THR C 252 -52.80 -13.78 38.14
C THR C 252 -51.62 -14.74 38.12
N ARG C 253 -51.83 -15.91 38.72
CA ARG C 253 -50.79 -16.94 38.86
C ARG C 253 -50.52 -17.70 37.54
N MET C 254 -51.03 -17.15 36.44
CA MET C 254 -50.64 -17.57 35.10
C MET C 254 -50.01 -16.39 34.37
N VAL C 255 -50.66 -15.24 34.47
CA VAL C 255 -50.26 -14.01 33.75
C VAL C 255 -48.85 -13.55 34.09
N ILE C 256 -48.42 -13.77 35.34
CA ILE C 256 -47.07 -13.44 35.78
C ILE C 256 -46.12 -14.67 35.74
N ILE C 257 -46.60 -15.77 35.15
CA ILE C 257 -45.73 -16.88 34.71
C ILE C 257 -45.29 -16.66 33.27
N MET C 258 -46.11 -15.92 32.52
CA MET C 258 -45.78 -15.45 31.17
C MET C 258 -44.64 -14.42 31.19
N VAL C 259 -44.54 -13.66 32.27
CA VAL C 259 -43.44 -12.73 32.49
C VAL C 259 -42.14 -13.53 32.66
N ILE C 260 -42.22 -14.66 33.35
CA ILE C 260 -41.08 -15.57 33.52
C ILE C 260 -40.57 -16.10 32.17
N ALA C 261 -41.48 -16.68 31.39
CA ALA C 261 -41.15 -17.21 30.04
C ALA C 261 -40.54 -16.14 29.15
N PHE C 262 -41.02 -14.90 29.31
CA PHE C 262 -40.52 -13.74 28.59
C PHE C 262 -39.07 -13.41 28.96
N LEU C 263 -38.54 -14.09 29.96
CA LEU C 263 -37.13 -13.96 30.32
C LEU C 263 -36.38 -15.27 30.21
N ILE C 264 -37.11 -16.39 30.17
CA ILE C 264 -36.52 -17.74 30.09
C ILE C 264 -35.50 -17.91 28.97
N CYS C 265 -35.80 -17.39 27.79
CA CYS C 265 -34.89 -17.44 26.64
C CYS C 265 -34.35 -16.06 26.25
N TRP C 266 -35.07 -15.03 26.65
CA TRP C 266 -34.76 -13.64 26.27
C TRP C 266 -33.56 -13.03 26.98
N LEU C 267 -33.17 -13.62 28.11
CA LEU C 267 -31.96 -13.21 28.80
C LEU C 267 -30.75 -13.90 28.16
N PRO C 268 -30.78 -15.25 27.99
CA PRO C 268 -29.71 -15.91 27.23
C PRO C 268 -29.42 -15.26 25.88
N TYR C 269 -30.41 -14.63 25.28
CA TYR C 269 -30.20 -13.89 24.05
C TYR C 269 -29.78 -12.44 24.33
N ALA C 270 -30.70 -11.64 24.89
CA ALA C 270 -30.51 -10.20 25.05
C ALA C 270 -29.36 -9.82 25.98
N GLY C 271 -29.26 -10.53 27.11
CA GLY C 271 -28.17 -10.33 28.07
C GLY C 271 -26.80 -10.65 27.48
N VAL C 272 -26.81 -11.57 26.50
CA VAL C 272 -25.62 -11.93 25.74
C VAL C 272 -25.42 -10.94 24.61
N ALA C 273 -26.51 -10.32 24.15
CA ALA C 273 -26.45 -9.25 23.16
C ALA C 273 -25.70 -8.04 23.70
N PHE C 274 -25.71 -7.91 25.02
CA PHE C 274 -24.88 -6.95 25.74
C PHE C 274 -23.40 -7.34 25.63
N TYR C 275 -23.07 -8.59 26.00
CA TYR C 275 -21.71 -9.15 25.96
C TYR C 275 -21.05 -8.90 24.62
N ILE C 276 -21.76 -9.25 23.56
CA ILE C 276 -21.30 -9.01 22.21
C ILE C 276 -21.11 -7.52 21.98
N PHE C 277 -22.12 -6.72 22.35
CA PHE C 277 -22.07 -5.29 22.11
C PHE C 277 -20.91 -4.59 22.81
N THR C 278 -20.45 -5.16 23.92
CA THR C 278 -19.32 -4.57 24.67
C THR C 278 -17.94 -5.05 24.21
N HIS C 279 -17.89 -6.14 23.42
CA HIS C 279 -16.62 -6.79 23.06
C HIS C 279 -16.21 -6.68 21.58
N GLN C 280 -17.19 -6.38 20.72
CA GLN C 280 -17.04 -5.87 19.32
C GLN C 280 -15.93 -6.39 18.39
N GLY C 281 -14.96 -7.09 18.93
CA GLY C 281 -13.86 -7.62 18.14
C GLY C 281 -13.43 -8.88 18.84
N SER C 282 -14.39 -9.44 19.57
CA SER C 282 -14.18 -10.56 20.46
C SER C 282 -14.14 -11.88 19.70
N ASP C 283 -13.57 -12.91 20.33
CA ASP C 283 -13.33 -14.20 19.69
C ASP C 283 -14.50 -15.17 19.89
N PHE C 284 -15.69 -14.77 19.45
CA PHE C 284 -16.92 -15.45 19.88
C PHE C 284 -17.63 -16.35 18.84
N GLY C 285 -16.90 -16.81 17.82
CA GLY C 285 -17.45 -17.75 16.82
C GLY C 285 -18.93 -17.70 16.42
N PRO C 286 -19.41 -18.74 15.72
CA PRO C 286 -20.81 -18.78 15.27
C PRO C 286 -21.80 -19.34 16.31
N ILE C 287 -21.38 -20.35 17.06
CA ILE C 287 -22.23 -21.06 18.03
C ILE C 287 -22.76 -20.13 19.14
N PHE C 288 -22.02 -19.05 19.38
CA PHE C 288 -22.30 -18.09 20.45
C PHE C 288 -23.71 -17.49 20.42
N MET C 289 -24.15 -17.05 19.25
CA MET C 289 -25.41 -16.32 19.13
C MET C 289 -26.52 -17.19 18.56
N THR C 290 -26.15 -18.37 18.07
CA THR C 290 -27.08 -19.21 17.35
C THR C 290 -28.17 -19.76 18.27
N ILE C 291 -27.80 -20.63 19.22
CA ILE C 291 -28.79 -21.29 20.07
C ILE C 291 -29.73 -20.30 20.79
N PRO C 292 -29.18 -19.21 21.35
CA PRO C 292 -30.05 -18.23 22.00
C PRO C 292 -30.96 -17.49 21.03
N ALA C 293 -30.51 -17.29 19.79
CA ALA C 293 -31.32 -16.65 18.77
C ALA C 293 -32.57 -17.46 18.43
N PHE C 294 -32.38 -18.76 18.21
CA PHE C 294 -33.49 -19.65 17.81
C PHE C 294 -34.36 -20.10 18.98
N PHE C 295 -33.76 -20.23 20.16
CA PHE C 295 -34.53 -20.43 21.38
C PHE C 295 -35.37 -19.19 21.65
N ALA C 296 -34.78 -18.02 21.42
CA ALA C 296 -35.53 -16.76 21.50
C ALA C 296 -36.69 -16.78 20.52
N LYS C 297 -36.54 -17.57 19.45
CA LYS C 297 -37.55 -17.66 18.40
C LYS C 297 -38.70 -18.62 18.73
N THR C 298 -38.62 -19.30 19.87
CA THR C 298 -39.73 -20.10 20.36
C THR C 298 -40.78 -19.24 21.06
N SER C 299 -40.63 -17.93 20.93
CA SER C 299 -41.47 -16.95 21.63
C SER C 299 -42.82 -16.67 20.94
N ALA C 300 -43.21 -17.56 20.05
CA ALA C 300 -44.49 -17.43 19.36
C ALA C 300 -45.44 -18.54 19.81
N VAL C 301 -44.86 -19.66 20.25
CA VAL C 301 -45.63 -20.87 20.52
C VAL C 301 -45.98 -21.12 22.01
N TYR C 302 -45.05 -20.86 22.94
CA TYR C 302 -45.34 -21.11 24.35
C TYR C 302 -46.35 -20.15 24.96
N ASN C 303 -46.49 -18.95 24.38
CA ASN C 303 -47.41 -17.95 24.91
C ASN C 303 -48.85 -18.41 24.98
N PRO C 304 -49.42 -18.89 23.88
CA PRO C 304 -50.72 -19.58 23.93
C PRO C 304 -50.74 -20.86 24.77
N VAL C 305 -49.61 -21.59 24.87
CA VAL C 305 -49.56 -22.84 25.66
C VAL C 305 -49.73 -22.61 27.17
N ILE C 306 -49.40 -21.41 27.64
CA ILE C 306 -49.74 -20.98 28.99
C ILE C 306 -51.17 -20.39 29.01
N TYR C 307 -51.49 -19.55 28.02
CA TYR C 307 -52.80 -18.88 27.92
C TYR C 307 -53.98 -19.84 27.76
N ILE C 308 -53.77 -20.93 27.03
CA ILE C 308 -54.80 -21.95 26.90
C ILE C 308 -54.80 -22.82 28.17
N MET C 309 -53.63 -23.33 28.55
CA MET C 309 -53.51 -24.31 29.64
C MET C 309 -53.72 -23.74 31.05
N MET C 310 -52.99 -22.68 31.37
CA MET C 310 -53.02 -22.07 32.69
C MET C 310 -54.08 -20.96 32.86
N ASN C 311 -54.76 -20.62 31.76
CA ASN C 311 -55.98 -19.82 31.85
C ASN C 311 -57.19 -20.69 31.50
N LYS C 312 -57.68 -21.42 32.50
CA LYS C 312 -58.82 -22.32 32.29
C LYS C 312 -60.09 -21.53 31.93
N GLN C 313 -60.14 -20.28 32.41
CA GLN C 313 -61.22 -19.30 32.14
C GLN C 313 -61.70 -19.28 30.69
N PHE C 314 -60.77 -19.58 29.78
CA PHE C 314 -60.99 -19.47 28.35
C PHE C 314 -60.95 -20.85 27.67
N ARG C 315 -60.42 -21.84 28.39
CA ARG C 315 -60.15 -23.18 27.83
C ARG C 315 -61.39 -23.97 27.46
N ASN C 316 -62.56 -23.38 27.70
CA ASN C 316 -63.85 -24.03 27.45
C ASN C 316 -64.40 -23.67 26.07
N CYS C 317 -64.20 -22.41 25.68
CA CYS C 317 -64.64 -21.91 24.39
C CYS C 317 -63.93 -22.62 23.23
N MET C 318 -62.73 -23.12 23.53
CA MET C 318 -61.89 -23.85 22.56
C MET C 318 -62.39 -25.28 22.31
N VAL C 319 -62.77 -25.97 23.39
CA VAL C 319 -63.30 -27.33 23.31
C VAL C 319 -64.68 -27.38 22.61
N THR C 320 -65.33 -26.22 22.50
CA THR C 320 -66.64 -26.08 21.84
C THR C 320 -66.55 -26.27 20.31
N THR C 321 -65.40 -25.93 19.73
CA THR C 321 -65.15 -26.12 18.31
C THR C 321 -64.83 -27.59 18.01
N LEU C 322 -64.15 -28.24 18.96
CA LEU C 322 -63.68 -29.63 18.84
C LEU C 322 -64.78 -30.67 18.77
N CYS C 323 -65.87 -30.43 19.51
CA CYS C 323 -66.91 -31.43 19.78
C CYS C 323 -68.01 -31.46 18.73
C1 NAG D . 1.50 -14.99 -36.79
C2 NAG D . 0.44 -13.89 -37.02
C3 NAG D . -1.02 -14.37 -36.84
C4 NAG D . -1.26 -15.54 -35.87
C5 NAG D . 0.03 -15.99 -35.20
C6 NAG D . -0.16 -17.27 -34.38
C7 NAG D . 1.62 -11.73 -36.43
C8 NAG D . 1.53 -10.95 -37.71
N2 NAG D . 0.71 -12.69 -36.20
O3 NAG D . -1.50 -14.77 -38.11
O4 NAG D . -2.22 -15.25 -34.87
O5 NAG D . 1.01 -16.18 -36.19
O6 NAG D . -0.85 -16.98 -33.18
O7 NAG D . 2.51 -11.44 -35.62
C1 NAG D . -3.48 -15.85 -35.19
C2 NAG D . -3.93 -16.85 -34.09
C3 NAG D . -5.44 -16.91 -33.84
C4 NAG D . -6.29 -15.76 -34.42
C5 NAG D . -5.68 -15.23 -35.72
C6 NAG D . -6.39 -14.02 -36.28
C7 NAG D . -3.11 -19.11 -33.44
C8 NAG D . -2.24 -20.26 -33.89
N2 NAG D . -3.42 -18.19 -34.37
O3 NAG D . -5.64 -16.97 -32.44
O4 NAG D . -7.65 -16.14 -34.62
O5 NAG D . -4.38 -14.80 -35.39
O6 NAG D . -5.95 -12.86 -35.59
O7 NAG D . -3.50 -19.07 -32.26
C1 MAN D . -8.36 -16.20 -33.35
C2 MAN D . -9.30 -17.41 -33.34
C3 MAN D . -10.55 -17.06 -32.53
C4 MAN D . -11.26 -15.85 -33.14
C5 MAN D . -10.29 -14.69 -33.41
C6 MAN D . -10.84 -13.40 -32.82
O2 MAN D . -8.67 -18.52 -32.75
O3 MAN D . -10.15 -16.80 -31.20
O4 MAN D . -11.88 -16.18 -34.37
O5 MAN D . -8.99 -14.99 -32.89
O6 MAN D . -12.07 -13.06 -33.44
C1 NAG E . 14.73 -12.43 -47.96
C2 NAG E . 15.20 -11.27 -48.85
C3 NAG E . 16.68 -11.26 -49.29
C4 NAG E . 17.50 -12.54 -49.07
C5 NAG E . 16.70 -13.68 -48.45
C6 NAG E . 17.58 -14.82 -47.91
C7 NAG E . 14.18 -9.95 -50.62
C8 NAG E . 14.44 -9.90 -52.10
N2 NAG E . 14.34 -11.13 -50.01
O3 NAG E . 17.34 -10.18 -48.67
O4 NAG E . 18.01 -13.07 -50.29
O5 NAG E . 15.84 -13.16 -47.45
O6 NAG E . 18.82 -14.40 -47.35
O7 NAG E . 13.84 -8.93 -50.01
C1 NAG E . 18.95 -12.21 -51.00
C2 NAG E . 20.41 -12.28 -50.47
C3 NAG E . 21.39 -12.80 -51.54
C4 NAG E . 20.82 -13.97 -52.36
C5 NAG E . 19.41 -13.67 -52.92
C6 NAG E . 18.45 -14.86 -52.77
C7 NAG E . 21.51 -10.78 -48.81
C8 NAG E . 20.93 -9.81 -47.82
N2 NAG E . 20.84 -10.97 -49.95
O3 NAG E . 22.64 -13.15 -50.97
O4 NAG E . 21.72 -14.30 -53.42
O5 NAG E . 18.86 -12.45 -52.40
O6 NAG E . 17.58 -14.96 -53.88
O7 NAG E . 22.58 -11.37 -48.53
C1 NAG F . -14.12 -7.21 0.67
C2 NAG F . -13.75 -8.68 0.46
C3 NAG F . -14.15 -9.29 -0.88
C4 NAG F . -15.39 -8.69 -1.55
C5 NAG F . -15.35 -7.18 -1.39
C6 NAG F . -16.58 -6.53 -2.01
C7 NAG F . -11.51 -8.42 1.50
C8 NAG F . -11.47 -9.16 2.79
N2 NAG F . -12.32 -8.90 0.55
O3 NAG F . -14.37 -10.67 -0.70
O4 NAG F . -15.38 -9.02 -2.92
O5 NAG F . -15.31 -6.85 -0.02
O6 NAG F . -16.22 -5.75 -3.14
O7 NAG F . -10.82 -7.41 1.34
C1 NAG F . -16.19 -10.17 -3.23
C2 NAG F . -16.86 -9.91 -4.58
C3 NAG F . -17.52 -11.18 -5.14
C4 NAG F . -16.62 -12.41 -5.08
C5 NAG F . -16.05 -12.55 -3.66
C6 NAG F . -15.03 -13.68 -3.56
C7 NAG F . -18.27 -8.00 -5.34
C8 NAG F . -17.36 -6.87 -5.74
N2 NAG F . -17.83 -8.83 -4.39
O3 NAG F . -17.90 -10.92 -6.48
O4 NAG F . -17.33 -13.60 -5.46
O5 NAG F . -15.42 -11.36 -3.24
O6 NAG F . -14.38 -13.67 -2.29
O7 NAG F . -19.38 -8.11 -5.86
C1 MAN F . -17.37 -13.84 -6.91
C2 MAN F . -18.78 -14.30 -7.32
C3 MAN F . -18.85 -14.75 -8.78
C4 MAN F . -17.80 -15.82 -9.09
C5 MAN F . -16.64 -15.93 -8.07
C6 MAN F . -15.38 -16.52 -8.73
O2 MAN F . -19.71 -13.24 -7.17
O3 MAN F . -18.72 -13.63 -9.65
O4 MAN F . -18.44 -17.09 -9.16
O5 MAN F . -16.32 -14.68 -7.43
O6 MAN F . -15.54 -17.89 -9.05
C1 NAG G . -11.16 -0.93 17.03
C2 NAG G . -10.29 -1.08 18.29
C3 NAG G . -9.89 0.26 18.94
C4 NAG G . -11.00 1.32 19.03
C5 NAG G . -12.05 1.15 17.93
C6 NAG G . -12.54 2.53 17.46
C7 NAG G . -10.24 -2.99 19.85
C8 NAG G . -10.32 -3.05 21.35
N2 NAG G . -10.91 -2.00 19.25
O3 NAG G . -8.84 0.88 18.22
O4 NAG G . -11.58 1.45 20.35
O5 NAG G . -11.54 0.43 16.80
O6 NAG G . -13.01 2.49 16.14
O7 NAG G . -9.58 -3.82 19.22
C1 NAG G . -10.69 1.11 21.47
C2 NAG G . -10.09 2.32 22.21
C3 NAG G . -10.31 2.27 23.72
C4 NAG G . -11.74 1.82 24.04
C5 NAG G . -12.00 0.41 23.49
C6 NAG G . -13.48 0.15 23.20
C7 NAG G . -7.97 3.48 21.69
C8 NAG G . -7.86 3.92 20.26
N2 NAG G . -8.65 2.36 21.92
O3 NAG G . -10.03 3.50 24.35
O4 NAG G . -11.95 1.88 25.43
O5 NAG G . -11.21 0.08 22.34
O6 NAG G . -13.69 -1.14 22.67
O7 NAG G . -7.44 4.11 22.59
C1 NAG H . -11.23 -13.48 1.72
C2 NAG H . -11.76 -12.22 1.00
C3 NAG H . -11.59 -12.13 -0.53
C4 NAG H . -10.81 -13.26 -1.23
C5 NAG H . -10.70 -14.48 -0.34
C6 NAG H . -9.80 -15.55 -0.94
C7 NAG H . -13.74 -11.77 2.46
C8 NAG H . -15.09 -11.11 2.44
N2 NAG H . -13.18 -12.00 1.28
O3 NAG H . -10.99 -10.90 -0.85
O4 NAG H . -11.47 -13.61 -2.44
O5 NAG H . -10.22 -14.12 0.94
O6 NAG H . -10.60 -16.66 -1.29
O7 NAG H . -13.22 -12.07 3.56
C1 NAG H . -10.98 -12.87 -3.59
C2 NAG H . -10.84 -13.81 -4.77
C3 NAG H . -10.52 -13.05 -6.07
C4 NAG H . -11.56 -11.97 -6.36
C5 NAG H . -11.72 -11.08 -5.11
C6 NAG H . -12.95 -10.19 -5.27
C7 NAG H . -9.88 -16.07 -5.07
C8 NAG H . -10.43 -17.22 -4.27
N2 NAG H . -9.86 -14.86 -4.49
O3 NAG H . -10.48 -13.96 -7.15
O4 NAG H . -11.27 -11.17 -7.51
O5 NAG H . -11.88 -11.82 -3.89
O6 NAG H . -13.07 -9.27 -4.21
O7 NAG H . -9.48 -16.30 -6.22
C1 MAN H . -11.63 -11.76 -8.80
C2 MAN H . -10.38 -11.75 -9.69
C3 MAN H . -10.68 -11.55 -11.18
C4 MAN H . -11.67 -10.45 -11.52
C5 MAN H . -12.57 -10.11 -10.34
C6 MAN H . -13.90 -9.61 -10.90
O2 MAN H . -9.70 -12.98 -9.53
O3 MAN H . -11.24 -12.76 -11.67
O4 MAN H . -11.03 -9.28 -11.98
O5 MAN H . -12.76 -11.23 -9.48
O6 MAN H . -13.66 -8.63 -11.88
C1 NAG I . -9.26 -10.88 19.31
C2 NAG I . -9.84 -10.08 20.49
C3 NAG I . -9.98 -10.90 21.79
C4 NAG I . -8.86 -11.91 22.12
C5 NAG I . -8.27 -12.53 20.85
C6 NAG I . -8.18 -14.04 21.04
C7 NAG I . -9.58 -7.74 21.33
C8 NAG I . -8.57 -6.83 21.97
N2 NAG I . -9.11 -8.82 20.68
O3 NAG I . -11.17 -11.67 21.73
O4 NAG I . -7.87 -11.44 23.04
O5 NAG I . -9.03 -12.25 19.69
O6 NAG I . -7.93 -14.68 19.79
O7 NAG I . -10.77 -7.45 21.41
C1 NAG I . -8.35 -10.49 24.06
C2 NAG I . -8.59 -11.10 25.45
C3 NAG I . -7.86 -10.33 26.55
C4 NAG I . -6.40 -10.08 26.14
C5 NAG I . -6.31 -9.30 24.82
C6 NAG I . -5.15 -9.79 23.95
C7 NAG I . -10.64 -12.17 26.35
C8 NAG I . -11.16 -11.94 27.75
N2 NAG I . -10.02 -11.15 25.76
O3 NAG I . -7.93 -10.99 27.79
O4 NAG I . -5.74 -9.37 27.15
O5 NAG I . -7.55 -9.30 24.11
O6 NAG I . -4.36 -8.69 23.52
O7 NAG I . -10.80 -13.28 25.81
C1 PLM J . 27.01 24.26 -1.08
O2 PLM J . 27.44 23.12 -1.13
C2 PLM J . 25.57 24.55 -1.44
C3 PLM J . 24.90 25.33 -0.32
C4 PLM J . 24.44 24.40 0.81
C5 PLM J . 23.12 24.88 1.41
C6 PLM J . 22.04 25.03 0.34
C7 PLM J . 20.83 25.78 0.88
C8 PLM J . 19.68 25.76 -0.13
C9 PLM J . 18.50 26.59 0.37
CA PLM J . 17.60 26.98 -0.80
CB PLM J . 16.64 28.10 -0.39
CC PLM J . 16.86 29.34 -1.23
CD PLM J . 16.06 29.29 -2.52
CE PLM J . 15.48 30.67 -2.87
CF PLM J . 16.24 31.30 -4.03
CG PLM J . 15.76 32.71 -4.30
#